data_3Q4K
#
_entry.id   3Q4K
#
_cell.length_a   36.250
_cell.length_b   80.000
_cell.length_c   82.180
_cell.angle_alpha   66.150
_cell.angle_beta   74.940
_cell.angle_gamma   82.030
#
_symmetry.space_group_name_H-M   'P 1'
#
loop_
_entity.id
_entity.type
_entity.pdbx_description
1 polymer 'DNA polymerase III subunit beta'
2 polymer 'peptide ligand'
3 water water
#
loop_
_entity_poly.entity_id
_entity_poly.type
_entity_poly.pdbx_seq_one_letter_code
_entity_poly.pdbx_strand_id
1 'polypeptide(L)'
;MKFTVEREHLLKPLQQVSGPLGGRPTLPILGNLLLQVADGTLSLTGTDLEMEMVARVALVQPHEPGATTVPARKFFDICR
GLPEGAEIAVQLEGERMLVRSGRSRFSLSTLPAADFPNLDDWQSEVEFTLPQATMKRLIEATQFSMAHQDVRYYLNGMLF
ETEGEELRTVATDGHRLAVCSMPIGQSLPSHSVIVPRKGVIELMRMLDGGDNPLRVQIGSNNIRAHVGDFIFTSKLVDGR
FPDYRRVLPKNPDKHLEAGCDLLKQAFARAAILSNEKFRGVRLYVSENQLKITANNPEQEEAEEILDVTYSGAEMEIGFN
VSYVLDVLNALKCENVRMMLTDSVSSVQIEDAASQSAAYVVMPMRL
;
A,B
2 'polypeptide(L)' (ACE)Q(ALC)DL(200) C,D
#
loop_
_chem_comp.id
_chem_comp.type
_chem_comp.name
_chem_comp.formula
ACE non-polymer 'ACETYL GROUP' 'C2 H4 O'
#
# COMPACT_ATOMS: atom_id res chain seq x y z
N MET A 1 18.81 9.87 -34.68
CA MET A 1 17.75 8.93 -34.28
C MET A 1 16.34 9.52 -34.49
N LYS A 2 15.40 8.72 -35.11
CA LYS A 2 13.99 9.12 -35.34
C LYS A 2 13.12 7.88 -35.42
N PHE A 3 11.93 7.91 -34.77
CA PHE A 3 10.93 6.80 -34.77
C PHE A 3 9.56 7.29 -34.33
N THR A 4 8.50 6.63 -34.82
CA THR A 4 7.07 6.83 -34.50
C THR A 4 6.52 5.43 -34.17
N VAL A 5 5.95 5.27 -32.97
CA VAL A 5 5.41 3.99 -32.49
C VAL A 5 4.09 4.23 -31.74
N GLU A 6 3.20 3.21 -31.76
CA GLU A 6 1.94 3.22 -31.06
C GLU A 6 2.27 3.10 -29.56
N ARG A 7 1.74 4.00 -28.71
CA ARG A 7 1.93 4.02 -27.24
C ARG A 7 1.82 2.62 -26.60
N GLU A 8 0.84 1.81 -27.07
CA GLU A 8 0.61 0.45 -26.55
C GLU A 8 1.76 -0.51 -26.80
N HIS A 9 2.61 -0.25 -27.82
CA HIS A 9 3.78 -1.07 -28.12
C HIS A 9 5.02 -0.67 -27.32
N LEU A 10 4.99 0.54 -26.69
CA LEU A 10 6.07 1.12 -25.88
C LEU A 10 5.88 0.80 -24.41
N LEU A 11 4.64 0.84 -23.93
CA LEU A 11 4.26 0.66 -22.52
C LEU A 11 4.78 -0.57 -21.74
N LYS A 12 4.60 -1.82 -22.23
CA LYS A 12 5.18 -2.98 -21.51
C LYS A 12 6.74 -2.92 -21.54
N PRO A 13 7.43 -2.66 -22.69
CA PRO A 13 8.90 -2.48 -22.64
C PRO A 13 9.39 -1.41 -21.66
N LEU A 14 8.79 -0.18 -21.67
CA LEU A 14 9.16 0.91 -20.76
C LEU A 14 9.00 0.51 -19.29
N GLN A 15 7.92 -0.23 -18.97
CA GLN A 15 7.69 -0.74 -17.61
C GLN A 15 8.84 -1.70 -17.28
N GLN A 16 9.02 -2.71 -18.13
CA GLN A 16 9.99 -3.77 -17.97
C GLN A 16 11.48 -3.37 -17.88
N VAL A 17 11.87 -2.15 -18.36
CA VAL A 17 13.27 -1.65 -18.30
C VAL A 17 13.51 -0.62 -17.18
N SER A 18 12.43 -0.04 -16.60
CA SER A 18 12.51 0.97 -15.53
C SER A 18 12.11 0.35 -14.20
N THR A 26 23.43 5.99 -8.54
CA THR A 26 23.80 7.27 -7.94
C THR A 26 24.35 8.25 -8.96
N LEU A 27 25.08 7.74 -9.99
CA LEU A 27 25.65 8.54 -11.07
C LEU A 27 24.53 8.99 -12.02
N PRO A 28 24.61 10.22 -12.62
CA PRO A 28 23.50 10.73 -13.44
C PRO A 28 22.95 9.88 -14.57
N ILE A 29 23.82 9.30 -15.42
CA ILE A 29 23.42 8.49 -16.57
C ILE A 29 22.63 7.22 -16.23
N LEU A 30 22.80 6.67 -15.01
CA LEU A 30 22.08 5.48 -14.52
C LEU A 30 20.56 5.70 -14.39
N GLY A 31 20.14 6.97 -14.38
CA GLY A 31 18.75 7.39 -14.29
C GLY A 31 18.11 7.55 -15.66
N ASN A 32 18.91 7.30 -16.70
CA ASN A 32 18.51 7.40 -18.10
C ASN A 32 18.38 6.04 -18.77
N LEU A 33 17.56 5.99 -19.84
CA LEU A 33 17.37 4.83 -20.69
C LEU A 33 18.21 5.03 -21.92
N LEU A 34 18.89 3.98 -22.39
CA LEU A 34 19.63 4.05 -23.65
C LEU A 34 18.65 3.64 -24.77
N LEU A 35 18.37 4.56 -25.68
CA LEU A 35 17.48 4.34 -26.81
C LEU A 35 18.35 4.19 -28.06
N GLN A 36 18.20 3.07 -28.81
CA GLN A 36 18.99 2.82 -30.03
C GLN A 36 18.11 2.33 -31.18
N VAL A 37 18.09 3.06 -32.31
CA VAL A 37 17.35 2.64 -33.51
C VAL A 37 18.38 2.02 -34.47
N ALA A 38 18.15 0.76 -34.83
CA ALA A 38 19.01 -0.01 -35.74
C ALA A 38 18.21 -1.18 -36.31
N ASP A 39 18.50 -1.56 -37.57
CA ASP A 39 17.90 -2.70 -38.29
C ASP A 39 16.35 -2.80 -38.19
N GLY A 40 15.66 -1.66 -38.26
CA GLY A 40 14.20 -1.61 -38.14
C GLY A 40 13.65 -2.08 -36.80
N THR A 41 14.42 -1.85 -35.73
CA THR A 41 14.12 -2.25 -34.35
C THR A 41 14.59 -1.17 -33.37
N LEU A 42 13.77 -0.85 -32.35
CA LEU A 42 14.16 0.09 -31.30
C LEU A 42 14.49 -0.67 -30.04
N SER A 43 15.75 -0.56 -29.57
CA SER A 43 16.21 -1.20 -28.33
C SER A 43 16.15 -0.21 -27.15
N LEU A 44 15.52 -0.62 -26.03
CA LEU A 44 15.44 0.20 -24.80
C LEU A 44 16.23 -0.51 -23.70
N THR A 45 17.26 0.17 -23.12
CA THR A 45 18.16 -0.41 -22.13
C THR A 45 18.24 0.39 -20.82
N GLY A 46 18.09 -0.35 -19.71
CA GLY A 46 18.23 0.14 -18.35
C GLY A 46 19.33 -0.63 -17.63
N THR A 47 19.99 0.03 -16.64
CA THR A 47 21.07 -0.55 -15.84
C THR A 47 21.31 0.20 -14.53
N ASP A 48 21.81 -0.53 -13.52
CA ASP A 48 22.19 0.03 -12.20
C ASP A 48 23.70 -0.21 -11.89
N LEU A 49 24.43 -0.80 -12.87
CA LEU A 49 25.83 -1.29 -12.90
C LEU A 49 26.03 -2.75 -12.46
N GLU A 50 25.13 -3.27 -11.60
CA GLU A 50 25.09 -4.69 -11.17
C GLU A 50 24.23 -5.55 -12.12
N MET A 51 23.15 -4.98 -12.68
CA MET A 51 22.22 -5.66 -13.58
C MET A 51 21.72 -4.79 -14.75
N GLU A 52 21.32 -5.46 -15.85
CA GLU A 52 20.88 -4.83 -17.08
C GLU A 52 19.64 -5.49 -17.67
N MET A 53 18.71 -4.66 -18.15
CA MET A 53 17.47 -5.07 -18.79
C MET A 53 17.40 -4.40 -20.17
N VAL A 54 17.19 -5.20 -21.24
CA VAL A 54 17.12 -4.74 -22.62
C VAL A 54 15.81 -5.23 -23.27
N ALA A 55 15.03 -4.30 -23.85
CA ALA A 55 13.79 -4.58 -24.57
C ALA A 55 13.91 -4.18 -26.05
N ARG A 56 13.38 -5.01 -26.94
CA ARG A 56 13.39 -4.76 -28.39
C ARG A 56 11.95 -4.61 -28.91
N VAL A 57 11.69 -3.51 -29.63
CA VAL A 57 10.39 -3.17 -30.21
C VAL A 57 10.52 -3.11 -31.74
N ALA A 58 9.62 -3.78 -32.48
CA ALA A 58 9.61 -3.76 -33.95
C ALA A 58 9.19 -2.39 -34.50
N LEU A 59 9.83 -1.91 -35.58
CA LEU A 59 9.48 -0.60 -36.16
C LEU A 59 8.78 -0.71 -37.51
N VAL A 60 7.45 -0.67 -37.49
CA VAL A 60 6.65 -0.74 -38.72
C VAL A 60 6.71 0.57 -39.53
N GLN A 61 6.52 1.70 -38.85
CA GLN A 61 6.49 3.06 -39.40
C GLN A 61 7.87 3.60 -39.79
N PRO A 62 7.97 4.62 -40.72
CA PRO A 62 9.30 5.18 -41.07
C PRO A 62 10.15 5.60 -39.88
N HIS A 63 11.47 5.35 -39.98
CA HIS A 63 12.46 5.63 -38.92
C HIS A 63 13.83 5.94 -39.49
N GLU A 64 14.70 6.53 -38.67
CA GLU A 64 16.08 6.85 -39.00
C GLU A 64 17.00 6.25 -37.91
N PRO A 65 18.13 5.63 -38.28
CA PRO A 65 19.01 5.03 -37.25
C PRO A 65 19.78 6.06 -36.44
N GLY A 66 20.14 5.64 -35.23
CA GLY A 66 20.90 6.46 -34.29
C GLY A 66 20.64 6.04 -32.87
N ALA A 67 21.18 6.80 -31.90
CA ALA A 67 21.02 6.54 -30.49
C ALA A 67 21.18 7.76 -29.58
N THR A 68 20.55 7.71 -28.40
CA THR A 68 20.64 8.69 -27.33
C THR A 68 20.25 8.05 -25.99
N THR A 69 20.37 8.82 -24.90
CA THR A 69 19.92 8.46 -23.56
C THR A 69 18.95 9.59 -23.10
N VAL A 70 17.85 9.23 -22.40
CA VAL A 70 16.85 10.20 -21.86
C VAL A 70 16.41 9.84 -20.44
N PRO A 71 15.95 10.82 -19.60
CA PRO A 71 15.50 10.46 -18.24
C PRO A 71 14.43 9.37 -18.26
N ALA A 72 14.68 8.23 -17.58
CA ALA A 72 13.80 7.04 -17.58
C ALA A 72 12.37 7.26 -17.12
N ARG A 73 12.18 7.80 -15.89
CA ARG A 73 10.86 8.05 -15.29
C ARG A 73 10.09 9.15 -16.03
N LYS A 74 10.77 10.23 -16.46
CA LYS A 74 10.17 11.32 -17.22
C LYS A 74 9.64 10.83 -18.58
N PHE A 75 10.43 10.02 -19.30
CA PHE A 75 10.04 9.51 -20.59
C PHE A 75 8.86 8.53 -20.48
N PHE A 76 8.93 7.59 -19.51
CA PHE A 76 7.89 6.61 -19.23
C PHE A 76 6.55 7.29 -18.81
N ASP A 77 6.63 8.28 -17.90
CA ASP A 77 5.46 9.03 -17.40
C ASP A 77 4.70 9.72 -18.52
N ILE A 78 5.42 10.39 -19.44
CA ILE A 78 4.88 11.08 -20.61
C ILE A 78 4.07 10.10 -21.50
N CYS A 79 4.68 8.93 -21.83
CA CYS A 79 4.07 7.89 -22.67
C CYS A 79 2.81 7.32 -22.03
N ARG A 80 2.89 7.02 -20.73
CA ARG A 80 1.78 6.47 -19.92
C ARG A 80 0.66 7.51 -19.76
N GLY A 81 1.04 8.78 -19.64
CA GLY A 81 0.14 9.91 -19.52
C GLY A 81 -0.61 10.28 -20.79
N LEU A 82 -0.14 9.79 -21.95
CA LEU A 82 -0.77 10.04 -23.22
C LEU A 82 -2.05 9.18 -23.41
N PRO A 83 -3.06 9.67 -24.18
CA PRO A 83 -4.30 8.89 -24.35
C PRO A 83 -4.13 7.53 -24.98
N GLU A 84 -5.07 6.63 -24.72
CA GLU A 84 -5.12 5.27 -25.24
C GLU A 84 -5.18 5.33 -26.76
N GLY A 85 -4.23 4.70 -27.43
CA GLY A 85 -4.15 4.65 -28.88
C GLY A 85 -3.35 5.77 -29.52
N ALA A 86 -2.55 6.51 -28.72
CA ALA A 86 -1.74 7.62 -29.22
C ALA A 86 -0.45 7.16 -29.93
N GLU A 87 -0.03 7.92 -30.95
CA GLU A 87 1.17 7.68 -31.76
C GLU A 87 2.26 8.62 -31.28
N ILE A 88 3.40 8.08 -30.83
CA ILE A 88 4.49 8.86 -30.28
C ILE A 88 5.63 9.04 -31.26
N ALA A 89 5.86 10.31 -31.70
CA ALA A 89 6.92 10.70 -32.64
C ALA A 89 8.11 11.22 -31.85
N VAL A 90 9.28 10.59 -32.04
CA VAL A 90 10.52 10.93 -31.32
C VAL A 90 11.58 11.37 -32.33
N GLN A 91 12.26 12.50 -32.03
CA GLN A 91 13.27 13.13 -32.88
C GLN A 91 14.36 13.77 -32.01
N LEU A 92 15.55 14.01 -32.58
CA LEU A 92 16.65 14.66 -31.90
C LEU A 92 16.87 16.04 -32.51
N GLU A 93 17.04 17.06 -31.66
CA GLU A 93 17.26 18.44 -32.09
C GLU A 93 18.29 19.09 -31.18
N GLY A 94 19.56 18.85 -31.53
CA GLY A 94 20.70 19.32 -30.76
C GLY A 94 20.98 18.40 -29.58
N GLU A 95 21.06 18.98 -28.38
CA GLU A 95 21.31 18.29 -27.11
C GLU A 95 20.00 17.88 -26.41
N ARG A 96 18.88 17.91 -27.15
CA ARG A 96 17.57 17.61 -26.59
C ARG A 96 16.77 16.60 -27.41
N MET A 97 15.87 15.83 -26.75
CA MET A 97 15.00 14.86 -27.43
C MET A 97 13.58 15.40 -27.53
N LEU A 98 13.00 15.38 -28.73
CA LEU A 98 11.65 15.88 -28.95
C LEU A 98 10.61 14.76 -29.01
N VAL A 99 9.61 14.82 -28.13
CA VAL A 99 8.50 13.85 -28.11
C VAL A 99 7.20 14.58 -28.54
N ARG A 100 6.52 14.03 -29.55
CA ARG A 100 5.32 14.63 -30.11
C ARG A 100 4.18 13.64 -30.31
N SER A 101 3.01 13.99 -29.77
CA SER A 101 1.78 13.19 -29.92
C SER A 101 0.59 14.16 -29.80
N GLY A 102 -0.41 13.99 -30.66
CA GLY A 102 -1.58 14.86 -30.68
C GLY A 102 -1.17 16.31 -30.80
N ARG A 103 -1.55 17.12 -29.79
CA ARG A 103 -1.17 18.53 -29.67
C ARG A 103 -0.19 18.74 -28.49
N SER A 104 0.34 17.62 -27.92
CA SER A 104 1.31 17.60 -26.83
C SER A 104 2.71 17.53 -27.42
N ARG A 105 3.65 18.32 -26.84
CA ARG A 105 5.06 18.43 -27.24
C ARG A 105 5.93 18.40 -25.98
N PHE A 106 7.03 17.66 -26.04
CA PHE A 106 7.94 17.52 -24.90
C PHE A 106 9.35 17.57 -25.40
N SER A 107 10.20 18.33 -24.73
CA SER A 107 11.60 18.47 -25.06
C SER A 107 12.39 18.09 -23.80
N LEU A 108 13.06 16.95 -23.84
CA LEU A 108 13.83 16.35 -22.76
C LEU A 108 15.32 16.54 -22.97
N SER A 109 16.08 16.62 -21.86
CA SER A 109 17.53 16.76 -21.89
C SER A 109 18.17 15.39 -22.06
N THR A 110 19.15 15.28 -22.96
CA THR A 110 19.84 14.02 -23.22
C THR A 110 21.25 14.00 -22.62
N LEU A 111 21.87 12.81 -22.62
CA LEU A 111 23.25 12.50 -22.26
C LEU A 111 23.76 11.59 -23.40
N PRO A 112 25.05 11.64 -23.81
CA PRO A 112 25.45 10.87 -25.01
C PRO A 112 25.41 9.35 -24.83
N ALA A 113 24.93 8.65 -25.88
CA ALA A 113 24.79 7.19 -25.96
C ALA A 113 26.12 6.46 -25.75
N ALA A 114 27.23 7.12 -26.09
CA ALA A 114 28.60 6.65 -25.96
C ALA A 114 29.03 6.56 -24.49
N ASP A 115 28.46 7.42 -23.62
CA ASP A 115 28.78 7.50 -22.20
C ASP A 115 28.02 6.48 -21.36
N PHE A 116 26.99 5.84 -21.95
CA PHE A 116 26.15 4.85 -21.28
C PHE A 116 26.97 3.60 -20.92
N PRO A 117 26.90 3.10 -19.65
CA PRO A 117 27.68 1.90 -19.29
C PRO A 117 27.32 0.67 -20.11
N ASN A 118 28.35 0.03 -20.68
CA ASN A 118 28.23 -1.19 -21.49
C ASN A 118 28.96 -2.32 -20.77
N LEU A 119 28.18 -3.26 -20.20
CA LEU A 119 28.69 -4.45 -19.50
C LEU A 119 29.50 -5.32 -20.47
N ASP A 120 30.69 -5.76 -20.06
CA ASP A 120 31.61 -6.55 -20.91
C ASP A 120 31.02 -7.91 -21.32
N ASP A 121 31.42 -8.40 -22.52
CA ASP A 121 31.00 -9.70 -23.07
C ASP A 121 31.57 -10.82 -22.18
N TRP A 122 30.72 -11.77 -21.78
CA TRP A 122 31.06 -12.88 -20.90
C TRP A 122 30.66 -14.20 -21.57
N GLN A 123 31.13 -15.34 -21.05
CA GLN A 123 30.84 -16.63 -21.65
C GLN A 123 29.98 -17.55 -20.83
N SER A 124 28.91 -18.08 -21.44
CA SER A 124 27.95 -18.98 -20.82
C SER A 124 28.49 -20.40 -20.76
N GLU A 125 28.47 -20.99 -19.55
CA GLU A 125 28.94 -22.34 -19.26
C GLU A 125 27.77 -23.32 -19.30
N VAL A 126 26.56 -22.85 -18.92
CA VAL A 126 25.34 -23.67 -18.91
C VAL A 126 24.19 -22.89 -19.53
N GLU A 127 23.34 -23.60 -20.28
CA GLU A 127 22.17 -23.08 -20.99
C GLU A 127 21.06 -24.14 -20.95
N PHE A 128 19.82 -23.71 -20.69
CA PHE A 128 18.66 -24.57 -20.61
C PHE A 128 17.38 -23.74 -20.84
N THR A 129 16.32 -24.39 -21.32
CA THR A 129 15.06 -23.70 -21.51
C THR A 129 14.10 -24.29 -20.51
N LEU A 130 13.11 -23.52 -20.06
CA LEU A 130 12.10 -23.99 -19.11
C LEU A 130 10.85 -23.14 -19.22
N PRO A 131 9.66 -23.68 -18.89
CA PRO A 131 8.45 -22.82 -18.93
C PRO A 131 8.53 -21.77 -17.82
N GLN A 132 7.80 -20.65 -18.00
CA GLN A 132 7.76 -19.54 -17.04
C GLN A 132 7.22 -20.00 -15.72
N ALA A 133 6.24 -20.92 -15.75
CA ALA A 133 5.56 -21.48 -14.58
C ALA A 133 6.54 -22.27 -13.68
N THR A 134 7.53 -22.93 -14.30
CA THR A 134 8.55 -23.71 -13.59
C THR A 134 9.49 -22.79 -12.83
N MET A 135 9.81 -21.61 -13.41
CA MET A 135 10.67 -20.58 -12.81
C MET A 135 9.94 -19.87 -11.66
N LYS A 136 8.64 -19.55 -11.87
CA LYS A 136 7.77 -18.89 -10.88
C LYS A 136 7.62 -19.76 -9.63
N ARG A 137 7.41 -21.10 -9.80
CA ARG A 137 7.27 -22.03 -8.67
C ARG A 137 8.55 -22.08 -7.83
N LEU A 138 9.74 -22.21 -8.50
CA LEU A 138 11.05 -22.34 -7.86
C LEU A 138 11.40 -21.16 -6.99
N ILE A 139 11.17 -19.93 -7.49
CA ILE A 139 11.44 -18.67 -6.78
C ILE A 139 10.47 -18.50 -5.62
N GLU A 140 9.14 -18.57 -5.89
CA GLU A 140 8.06 -18.46 -4.89
C GLU A 140 8.16 -19.45 -3.72
N ALA A 141 8.62 -20.71 -3.98
CA ALA A 141 8.74 -21.73 -2.95
C ALA A 141 9.90 -21.45 -1.98
N THR A 142 10.95 -20.71 -2.43
CA THR A 142 12.14 -20.49 -1.59
C THR A 142 12.49 -19.06 -1.16
N GLN A 143 12.14 -18.04 -1.97
CA GLN A 143 12.43 -16.63 -1.76
C GLN A 143 12.32 -16.06 -0.34
N PHE A 144 11.21 -16.33 0.37
CA PHE A 144 11.00 -15.84 1.75
C PHE A 144 12.10 -16.26 2.76
N SER A 145 12.88 -17.30 2.45
CA SER A 145 13.91 -17.86 3.32
C SER A 145 15.27 -17.21 3.20
N MET A 146 15.44 -16.31 2.22
CA MET A 146 16.69 -15.56 2.00
C MET A 146 16.90 -14.64 3.22
N ALA A 147 18.15 -14.51 3.69
CA ALA A 147 18.49 -13.62 4.80
C ALA A 147 18.25 -12.14 4.41
N HIS A 148 17.97 -11.25 5.39
CA HIS A 148 17.79 -9.81 5.12
C HIS A 148 19.00 -9.03 5.67
N GLN A 149 19.87 -8.56 4.76
CA GLN A 149 21.05 -7.75 5.04
C GLN A 149 22.02 -8.34 6.09
N ASP A 150 22.19 -9.67 6.07
CA ASP A 150 23.10 -10.40 6.95
C ASP A 150 24.55 -10.09 6.54
N VAL A 151 25.47 -10.02 7.53
CA VAL A 151 26.91 -9.78 7.37
C VAL A 151 27.50 -10.85 6.43
N ARG A 152 26.94 -12.09 6.51
CA ARG A 152 27.27 -13.24 5.66
C ARG A 152 26.49 -13.04 4.35
N TYR A 153 27.00 -12.09 3.51
CA TYR A 153 26.51 -11.63 2.21
C TYR A 153 25.95 -12.72 1.30
N TYR A 154 26.59 -13.93 1.31
CA TYR A 154 26.26 -15.13 0.53
C TYR A 154 24.88 -15.76 0.83
N LEU A 155 24.26 -15.41 1.98
CA LEU A 155 22.93 -15.86 2.42
C LEU A 155 21.82 -14.88 1.98
N ASN A 156 22.21 -13.71 1.45
CA ASN A 156 21.28 -12.66 1.01
C ASN A 156 20.73 -12.88 -0.40
N GLY A 157 21.23 -13.90 -1.07
CA GLY A 157 20.74 -14.27 -2.38
C GLY A 157 20.11 -15.65 -2.41
N MET A 158 19.94 -16.18 -3.61
CA MET A 158 19.38 -17.50 -3.87
C MET A 158 20.36 -18.40 -4.64
N LEU A 159 20.43 -19.67 -4.21
CA LEU A 159 21.24 -20.65 -4.91
C LEU A 159 20.42 -21.26 -6.06
N PHE A 160 21.02 -21.28 -7.28
CA PHE A 160 20.46 -21.92 -8.47
C PHE A 160 21.43 -23.04 -8.80
N GLU A 161 20.94 -24.27 -8.69
CA GLU A 161 21.73 -25.48 -8.90
C GLU A 161 21.15 -26.34 -9.99
N THR A 162 22.01 -26.83 -10.91
CA THR A 162 21.63 -27.75 -11.97
C THR A 162 22.28 -29.11 -11.68
N GLU A 163 21.51 -30.19 -11.73
CA GLU A 163 22.04 -31.53 -11.45
C GLU A 163 21.09 -32.55 -12.08
N GLY A 164 21.65 -33.40 -12.92
CA GLY A 164 20.92 -34.42 -13.65
C GLY A 164 20.08 -33.74 -14.71
N GLU A 165 18.77 -33.85 -14.56
CA GLU A 165 17.76 -33.22 -15.44
C GLU A 165 16.88 -32.21 -14.65
N GLU A 166 17.33 -31.82 -13.45
CA GLU A 166 16.62 -30.93 -12.53
C GLU A 166 17.29 -29.59 -12.33
N LEU A 167 16.49 -28.56 -12.08
CA LEU A 167 16.98 -27.27 -11.63
C LEU A 167 16.49 -27.17 -10.17
N ARG A 168 17.33 -26.62 -9.29
CA ARG A 168 17.00 -26.50 -7.87
C ARG A 168 17.31 -25.10 -7.28
N THR A 169 16.36 -24.56 -6.48
CA THR A 169 16.55 -23.32 -5.74
C THR A 169 16.67 -23.63 -4.23
N VAL A 170 17.62 -22.95 -3.56
CA VAL A 170 17.88 -23.06 -2.12
C VAL A 170 18.00 -21.63 -1.56
N ALA A 171 17.44 -21.40 -0.35
CA ALA A 171 17.51 -20.14 0.39
C ALA A 171 17.52 -20.45 1.89
N THR A 172 18.42 -19.78 2.63
CA THR A 172 18.57 -19.95 4.08
C THR A 172 19.08 -18.65 4.73
N ASP A 173 18.73 -18.46 6.00
CA ASP A 173 19.24 -17.33 6.78
C ASP A 173 20.01 -17.82 8.03
N GLY A 174 20.47 -19.09 8.01
CA GLY A 174 21.21 -19.73 9.08
C GLY A 174 20.32 -20.43 10.11
N HIS A 175 19.05 -19.99 10.21
CA HIS A 175 18.06 -20.53 11.16
C HIS A 175 17.01 -21.42 10.45
N ARG A 176 16.57 -21.01 9.27
CA ARG A 176 15.63 -21.77 8.47
C ARG A 176 16.10 -21.92 7.01
N LEU A 177 15.53 -22.89 6.29
CA LEU A 177 15.94 -23.23 4.93
C LEU A 177 14.76 -23.67 4.12
N ALA A 178 14.80 -23.34 2.84
CA ALA A 178 13.80 -23.68 1.83
C ALA A 178 14.50 -24.28 0.61
N VAL A 179 14.16 -25.54 0.23
CA VAL A 179 14.70 -26.20 -0.97
C VAL A 179 13.56 -26.65 -1.91
N CYS A 180 13.63 -26.29 -3.22
CA CYS A 180 12.64 -26.65 -4.26
C CYS A 180 13.38 -27.15 -5.49
N SER A 181 13.04 -28.36 -5.97
CA SER A 181 13.65 -28.99 -7.15
C SER A 181 12.57 -29.28 -8.19
N MET A 182 12.89 -29.03 -9.46
CA MET A 182 11.94 -29.26 -10.56
C MET A 182 12.58 -29.96 -11.74
N PRO A 183 11.94 -31.00 -12.30
CA PRO A 183 12.50 -31.65 -13.51
C PRO A 183 12.30 -30.77 -14.74
N ILE A 184 13.29 -30.71 -15.63
CA ILE A 184 13.17 -29.90 -16.86
C ILE A 184 13.28 -30.67 -18.21
N GLY A 185 13.83 -31.87 -18.17
CA GLY A 185 13.94 -32.73 -19.36
C GLY A 185 15.13 -32.47 -20.25
N GLN A 186 16.28 -32.12 -19.65
CA GLN A 186 17.53 -31.89 -20.35
C GLN A 186 18.66 -32.36 -19.46
N SER A 187 19.61 -33.12 -20.01
CA SER A 187 20.79 -33.56 -19.27
C SER A 187 21.69 -32.31 -19.05
N LEU A 188 21.93 -31.97 -17.77
CA LEU A 188 22.66 -30.78 -17.36
C LEU A 188 23.93 -31.05 -16.56
N PRO A 189 24.96 -30.17 -16.70
CA PRO A 189 26.17 -30.38 -15.88
C PRO A 189 25.92 -29.88 -14.44
N SER A 190 26.65 -30.43 -13.49
CA SER A 190 26.55 -30.03 -12.09
C SER A 190 27.21 -28.67 -11.93
N HIS A 191 26.37 -27.69 -11.62
CA HIS A 191 26.75 -26.29 -11.50
C HIS A 191 25.90 -25.63 -10.40
N SER A 192 26.47 -24.70 -9.64
CA SER A 192 25.80 -23.99 -8.55
C SER A 192 26.18 -22.54 -8.60
N VAL A 193 25.17 -21.64 -8.56
CA VAL A 193 25.40 -20.19 -8.54
C VAL A 193 24.49 -19.46 -7.55
N ILE A 194 24.95 -18.29 -7.06
CA ILE A 194 24.18 -17.49 -6.13
C ILE A 194 23.70 -16.24 -6.89
N VAL A 195 22.39 -16.11 -7.04
CA VAL A 195 21.73 -14.97 -7.68
C VAL A 195 21.37 -14.00 -6.53
N PRO A 196 21.79 -12.70 -6.62
CA PRO A 196 21.47 -11.75 -5.55
C PRO A 196 19.99 -11.47 -5.39
N ARG A 197 19.60 -10.98 -4.18
CA ARG A 197 18.22 -10.59 -3.84
C ARG A 197 17.60 -9.78 -5.01
N LYS A 198 18.27 -8.68 -5.45
CA LYS A 198 17.81 -7.79 -6.53
C LYS A 198 17.60 -8.45 -7.91
N GLY A 199 18.38 -9.47 -8.21
CA GLY A 199 18.26 -10.24 -9.43
C GLY A 199 17.07 -11.17 -9.41
N VAL A 200 16.81 -11.77 -8.22
CA VAL A 200 15.67 -12.67 -7.96
C VAL A 200 14.36 -11.87 -8.13
N ILE A 201 14.29 -10.66 -7.52
CA ILE A 201 13.10 -9.80 -7.69
C ILE A 201 12.86 -9.53 -9.19
N GLU A 202 13.94 -9.24 -9.95
CA GLU A 202 13.85 -8.96 -11.38
C GLU A 202 13.51 -10.18 -12.22
N LEU A 203 14.09 -11.37 -11.90
CA LEU A 203 13.80 -12.66 -12.54
C LEU A 203 12.30 -12.95 -12.52
N MET A 204 11.66 -12.67 -11.38
CA MET A 204 10.26 -12.86 -11.12
C MET A 204 9.43 -11.81 -11.85
N ARG A 205 9.85 -10.53 -11.76
CA ARG A 205 9.19 -9.37 -12.35
C ARG A 205 9.06 -9.47 -13.85
N MET A 206 9.98 -10.19 -14.51
CA MET A 206 9.97 -10.38 -15.96
C MET A 206 8.99 -11.49 -16.46
N LEU A 207 8.52 -12.36 -15.55
CA LEU A 207 7.60 -13.47 -15.81
C LEU A 207 6.19 -12.88 -15.86
N ASP A 208 5.55 -12.87 -17.04
CA ASP A 208 4.19 -12.31 -17.19
C ASP A 208 3.15 -13.39 -16.96
N GLY A 209 3.51 -14.63 -17.28
CA GLY A 209 2.66 -15.80 -17.12
C GLY A 209 1.95 -16.19 -18.40
N GLY A 210 2.70 -16.23 -19.50
CA GLY A 210 2.17 -16.56 -20.84
C GLY A 210 2.78 -17.78 -21.47
N ASP A 211 2.63 -17.90 -22.80
CA ASP A 211 3.11 -19.07 -23.57
C ASP A 211 4.65 -19.17 -23.74
N ASN A 212 5.34 -18.03 -23.96
CA ASN A 212 6.79 -17.94 -24.20
C ASN A 212 7.69 -18.67 -23.18
N PRO A 213 8.61 -19.53 -23.64
CA PRO A 213 9.54 -20.18 -22.70
C PRO A 213 10.64 -19.22 -22.23
N LEU A 214 11.29 -19.55 -21.12
CA LEU A 214 12.37 -18.75 -20.57
C LEU A 214 13.69 -19.40 -20.95
N ARG A 215 14.59 -18.64 -21.58
CA ARG A 215 15.89 -19.17 -21.97
C ARG A 215 16.92 -18.66 -21.00
N VAL A 216 17.54 -19.57 -20.26
CA VAL A 216 18.53 -19.24 -19.23
C VAL A 216 19.95 -19.58 -19.66
N GLN A 217 20.89 -18.67 -19.38
CA GLN A 217 22.32 -18.81 -19.65
C GLN A 217 23.08 -18.42 -18.40
N ILE A 218 23.94 -19.33 -17.91
CA ILE A 218 24.75 -19.09 -16.70
C ILE A 218 26.22 -19.14 -17.02
N GLY A 219 26.90 -18.04 -16.71
CA GLY A 219 28.34 -17.90 -16.86
C GLY A 219 29.04 -18.17 -15.54
N SER A 220 30.24 -17.61 -15.36
CA SER A 220 30.99 -17.84 -14.11
C SER A 220 30.66 -16.81 -13.05
N ASN A 221 30.31 -15.59 -13.49
CA ASN A 221 29.96 -14.46 -12.63
C ASN A 221 28.73 -13.68 -13.13
N ASN A 222 27.99 -14.25 -14.11
CA ASN A 222 26.80 -13.66 -14.71
C ASN A 222 25.71 -14.67 -14.99
N ILE A 223 24.47 -14.19 -15.08
CA ILE A 223 23.27 -14.95 -15.42
C ILE A 223 22.43 -14.10 -16.38
N ARG A 224 21.95 -14.74 -17.45
CA ARG A 224 21.12 -14.13 -18.47
C ARG A 224 19.81 -14.90 -18.61
N ALA A 225 18.71 -14.16 -18.72
CA ALA A 225 17.37 -14.70 -18.90
C ALA A 225 16.68 -14.00 -20.08
N HIS A 226 16.24 -14.77 -21.07
CA HIS A 226 15.55 -14.30 -22.27
C HIS A 226 14.11 -14.77 -22.19
N VAL A 227 13.16 -13.86 -22.42
CA VAL A 227 11.74 -14.16 -22.49
C VAL A 227 11.14 -13.16 -23.44
N GLY A 228 10.54 -13.67 -24.52
CA GLY A 228 9.95 -12.90 -25.60
C GLY A 228 10.99 -11.96 -26.19
N ASP A 229 10.73 -10.66 -26.07
CA ASP A 229 11.62 -9.62 -26.57
C ASP A 229 12.41 -8.86 -25.50
N PHE A 230 12.52 -9.44 -24.29
CA PHE A 230 13.27 -8.88 -23.17
C PHE A 230 14.47 -9.74 -22.83
N ILE A 231 15.54 -9.10 -22.43
CA ILE A 231 16.74 -9.79 -21.97
C ILE A 231 17.08 -9.19 -20.61
N PHE A 232 17.32 -10.07 -19.62
CA PHE A 232 17.74 -9.67 -18.28
C PHE A 232 19.08 -10.29 -17.97
N THR A 233 20.00 -9.47 -17.44
CA THR A 233 21.35 -9.88 -17.04
C THR A 233 21.67 -9.39 -15.65
N SER A 234 22.26 -10.25 -14.83
CA SER A 234 22.67 -9.92 -13.49
C SER A 234 24.04 -10.48 -13.19
N LYS A 235 24.80 -9.78 -12.35
CA LYS A 235 26.07 -10.25 -11.79
C LYS A 235 25.69 -11.29 -10.69
N LEU A 236 26.52 -12.29 -10.47
CA LEU A 236 26.26 -13.31 -9.45
C LEU A 236 26.98 -12.91 -8.17
N VAL A 237 26.55 -13.50 -7.03
CA VAL A 237 27.17 -13.22 -5.73
C VAL A 237 28.49 -14.02 -5.64
N ASP A 238 29.63 -13.31 -5.45
CA ASP A 238 30.95 -13.94 -5.33
C ASP A 238 31.25 -14.51 -3.92
N GLY A 239 30.70 -15.69 -3.65
CA GLY A 239 30.79 -16.41 -2.39
C GLY A 239 30.52 -17.90 -2.57
N ARG A 240 30.56 -18.63 -1.47
CA ARG A 240 30.33 -20.06 -1.45
C ARG A 240 29.20 -20.38 -0.46
N PHE A 241 28.04 -20.83 -1.02
CA PHE A 241 26.80 -21.15 -0.30
C PHE A 241 27.03 -22.32 0.69
N PRO A 242 26.41 -22.33 1.90
CA PRO A 242 26.64 -23.45 2.83
C PRO A 242 26.11 -24.83 2.35
N ASP A 243 26.58 -25.88 3.02
CA ASP A 243 26.27 -27.28 2.79
C ASP A 243 24.85 -27.60 3.31
N TYR A 244 23.84 -27.27 2.50
CA TYR A 244 22.46 -27.46 2.86
C TYR A 244 22.10 -28.97 2.93
N ARG A 245 22.67 -29.79 2.01
CA ARG A 245 22.46 -31.25 1.98
C ARG A 245 22.79 -31.91 3.32
N ARG A 246 23.81 -31.38 4.06
CA ARG A 246 24.23 -31.86 5.38
C ARG A 246 23.14 -31.63 6.42
N VAL A 247 22.26 -30.65 6.19
CA VAL A 247 21.18 -30.36 7.14
C VAL A 247 19.81 -31.01 6.83
N LEU A 248 19.66 -31.72 5.68
CA LEU A 248 18.41 -32.43 5.40
C LEU A 248 18.40 -33.71 6.27
N PRO A 249 17.57 -33.78 7.37
CA PRO A 249 17.63 -34.96 8.27
C PRO A 249 17.75 -36.36 7.66
N PRO A 252 14.91 -39.69 10.51
CA PRO A 252 13.86 -39.12 11.38
C PRO A 252 12.92 -40.20 11.92
N ASP A 253 12.67 -40.19 13.23
CA ASP A 253 11.81 -41.21 13.83
C ASP A 253 10.41 -40.69 14.22
N LYS A 254 10.19 -39.36 14.14
CA LYS A 254 8.89 -38.78 14.52
C LYS A 254 8.18 -38.07 13.34
N HIS A 255 6.96 -38.52 12.98
CA HIS A 255 6.19 -37.90 11.91
C HIS A 255 4.76 -37.57 12.25
N LEU A 256 4.42 -36.30 12.01
CA LEU A 256 3.12 -35.70 12.29
C LEU A 256 2.42 -35.38 10.97
N GLU A 257 1.10 -35.56 10.93
CA GLU A 257 0.27 -35.25 9.76
C GLU A 257 -0.91 -34.43 10.24
N ALA A 258 -1.14 -33.27 9.63
CA ALA A 258 -2.26 -32.38 9.99
C ALA A 258 -2.73 -31.60 8.76
N GLY A 259 -3.97 -31.10 8.80
CA GLY A 259 -4.54 -30.26 7.75
C GLY A 259 -3.83 -28.91 7.76
N CYS A 260 -3.42 -28.44 6.58
CA CYS A 260 -2.68 -27.18 6.44
C CYS A 260 -3.38 -25.94 7.01
N ASP A 261 -4.67 -25.71 6.66
CA ASP A 261 -5.36 -24.53 7.15
C ASP A 261 -5.57 -24.51 8.65
N LEU A 262 -6.12 -25.60 9.21
CA LEU A 262 -6.34 -25.77 10.64
C LEU A 262 -5.06 -25.37 11.40
N LEU A 263 -3.90 -26.00 11.04
CA LEU A 263 -2.57 -25.79 11.63
C LEU A 263 -2.10 -24.35 11.53
N LYS A 264 -2.15 -23.76 10.31
CA LYS A 264 -1.80 -22.37 10.00
C LYS A 264 -2.61 -21.38 10.90
N GLN A 265 -3.92 -21.67 11.14
CA GLN A 265 -4.78 -20.80 11.95
C GLN A 265 -4.53 -20.87 13.46
N ALA A 266 -4.13 -22.05 13.95
CA ALA A 266 -3.83 -22.24 15.37
C ALA A 266 -2.51 -21.55 15.74
N PHE A 267 -1.48 -21.66 14.88
CA PHE A 267 -0.17 -21.01 15.05
C PHE A 267 -0.29 -19.47 14.97
N ALA A 268 -1.20 -18.97 14.10
CA ALA A 268 -1.46 -17.55 13.90
C ALA A 268 -2.15 -16.94 15.11
N ARG A 269 -3.02 -17.71 15.82
CA ARG A 269 -3.68 -17.19 17.03
C ARG A 269 -2.72 -17.17 18.22
N ALA A 270 -1.94 -18.26 18.40
CA ALA A 270 -0.91 -18.34 19.44
C ALA A 270 0.17 -17.27 19.25
N ALA A 271 0.47 -16.88 17.99
CA ALA A 271 1.47 -15.86 17.63
C ALA A 271 1.22 -14.48 18.31
N ILE A 272 -0.09 -14.06 18.44
CA ILE A 272 -0.56 -12.82 19.08
C ILE A 272 0.00 -12.66 20.49
N LEU A 273 0.00 -13.77 21.26
CA LEU A 273 0.46 -13.80 22.66
C LEU A 273 1.89 -14.22 22.93
N SER A 274 2.73 -14.28 21.87
CA SER A 274 4.15 -14.60 21.95
C SER A 274 4.97 -13.29 22.02
N ASN A 275 6.25 -13.38 22.43
CA ASN A 275 7.18 -12.27 22.55
C ASN A 275 7.33 -11.56 21.20
N GLU A 276 7.08 -10.24 21.14
CA GLU A 276 7.14 -9.47 19.88
C GLU A 276 8.46 -9.57 19.11
N LYS A 277 9.59 -9.66 19.82
CA LYS A 277 10.91 -9.73 19.18
C LYS A 277 11.41 -11.17 18.97
N PHE A 278 11.10 -12.08 19.92
CA PHE A 278 11.59 -13.45 19.92
C PHE A 278 10.66 -14.55 19.35
N ARG A 279 9.35 -14.29 19.34
CA ARG A 279 8.30 -15.09 18.70
C ARG A 279 8.23 -16.59 19.01
N GLY A 280 8.78 -16.98 20.17
CA GLY A 280 8.80 -18.36 20.63
C GLY A 280 7.47 -18.96 21.05
N VAL A 281 7.11 -20.09 20.41
CA VAL A 281 5.94 -20.92 20.72
C VAL A 281 6.43 -22.31 21.17
N ARG A 282 5.66 -22.96 22.05
CA ARG A 282 5.98 -24.29 22.59
C ARG A 282 4.99 -25.28 22.00
N LEU A 283 5.52 -26.37 21.41
CA LEU A 283 4.77 -27.43 20.77
C LEU A 283 4.82 -28.67 21.63
N TYR A 284 3.63 -29.24 21.92
CA TYR A 284 3.54 -30.50 22.64
C TYR A 284 2.86 -31.55 21.78
N VAL A 285 3.62 -32.56 21.40
CA VAL A 285 3.17 -33.64 20.55
C VAL A 285 2.93 -34.93 21.38
N SER A 286 1.76 -35.55 21.20
CA SER A 286 1.34 -36.80 21.84
C SER A 286 0.22 -37.48 21.03
N GLU A 287 -0.10 -38.77 21.35
CA GLU A 287 -1.11 -39.61 20.67
C GLU A 287 -2.15 -38.68 20.03
N ASN A 288 -2.11 -38.64 18.68
CA ASN A 288 -3.07 -37.97 17.81
C ASN A 288 -3.48 -36.53 18.24
N GLN A 289 -2.56 -35.84 18.94
CA GLN A 289 -2.79 -34.51 19.46
C GLN A 289 -1.57 -33.60 19.43
N LEU A 290 -1.82 -32.30 19.14
CA LEU A 290 -0.84 -31.25 19.18
C LEU A 290 -1.37 -30.13 20.07
N LYS A 291 -0.55 -29.68 21.02
CA LYS A 291 -0.83 -28.57 21.91
C LYS A 291 0.21 -27.48 21.64
N ILE A 292 -0.25 -26.28 21.22
CA ILE A 292 0.61 -25.12 20.96
C ILE A 292 0.36 -24.11 22.09
N THR A 293 1.44 -23.64 22.75
CA THR A 293 1.32 -22.64 23.82
C THR A 293 2.29 -21.46 23.61
N ALA A 294 1.85 -20.24 23.92
CA ALA A 294 2.69 -19.03 23.81
C ALA A 294 2.57 -18.18 25.04
N ASN A 295 3.70 -17.55 25.46
CA ASN A 295 3.83 -16.66 26.64
C ASN A 295 4.60 -15.41 26.25
N ASN A 296 4.42 -14.29 26.97
CA ASN A 296 5.18 -13.07 26.67
C ASN A 296 5.72 -12.38 27.94
N PRO A 297 6.46 -11.24 27.86
CA PRO A 297 6.98 -10.61 29.10
C PRO A 297 5.92 -10.07 30.08
N GLU A 298 4.70 -9.73 29.58
CA GLU A 298 3.60 -9.21 30.43
C GLU A 298 2.73 -10.37 30.98
N GLN A 299 3.28 -11.61 30.96
CA GLN A 299 2.66 -12.86 31.45
C GLN A 299 1.35 -13.32 30.79
N GLU A 300 1.02 -12.77 29.59
CA GLU A 300 -0.17 -13.19 28.82
C GLU A 300 0.04 -14.65 28.29
N GLU A 301 -1.04 -15.45 28.16
CA GLU A 301 -0.92 -16.86 27.76
C GLU A 301 -1.99 -17.39 26.80
N ALA A 302 -1.56 -17.99 25.67
CA ALA A 302 -2.43 -18.59 24.66
C ALA A 302 -2.23 -20.09 24.65
N GLU A 303 -3.30 -20.84 24.33
CA GLU A 303 -3.27 -22.29 24.25
C GLU A 303 -4.21 -22.77 23.17
N GLU A 304 -3.71 -23.61 22.28
CA GLU A 304 -4.46 -24.22 21.18
C GLU A 304 -4.22 -25.73 21.16
N ILE A 305 -5.29 -26.51 21.00
CA ILE A 305 -5.21 -27.97 20.94
C ILE A 305 -5.84 -28.45 19.64
N LEU A 306 -5.12 -29.30 18.89
CA LEU A 306 -5.58 -29.84 17.60
C LEU A 306 -5.51 -31.35 17.55
N ASP A 307 -6.41 -31.95 16.73
CA ASP A 307 -6.42 -33.36 16.41
C ASP A 307 -5.49 -33.47 15.21
N VAL A 308 -4.51 -34.35 15.31
CA VAL A 308 -3.50 -34.58 14.27
C VAL A 308 -3.33 -36.11 14.18
N THR A 309 -2.55 -36.59 13.21
CA THR A 309 -2.22 -38.01 13.10
C THR A 309 -0.77 -38.09 13.55
N TYR A 310 -0.53 -38.62 14.77
CA TYR A 310 0.78 -38.82 15.40
C TYR A 310 0.73 -40.06 16.31
N SER A 311 1.73 -40.96 16.24
CA SER A 311 1.72 -42.13 17.12
C SER A 311 3.02 -42.44 17.90
N GLY A 312 4.07 -41.68 17.66
CA GLY A 312 5.37 -41.84 18.33
C GLY A 312 5.41 -41.41 19.78
N ALA A 313 6.64 -41.20 20.32
CA ALA A 313 6.88 -40.76 21.70
C ALA A 313 6.43 -39.32 21.93
N GLU A 314 6.08 -38.97 23.19
CA GLU A 314 5.66 -37.62 23.56
C GLU A 314 6.87 -36.69 23.49
N MET A 315 6.69 -35.45 23.03
CA MET A 315 7.80 -34.50 22.91
C MET A 315 7.42 -33.02 23.04
N GLU A 316 8.32 -32.23 23.62
CA GLU A 316 8.18 -30.78 23.78
C GLU A 316 9.30 -30.09 22.97
N ILE A 317 8.94 -29.27 21.97
CA ILE A 317 9.89 -28.55 21.10
C ILE A 317 9.50 -27.08 20.90
N GLY A 318 10.46 -26.18 20.99
CA GLY A 318 10.23 -24.75 20.79
C GLY A 318 10.55 -24.29 19.39
N PHE A 319 9.81 -23.31 18.88
CA PHE A 319 10.00 -22.78 17.53
C PHE A 319 9.67 -21.31 17.47
N ASN A 320 10.28 -20.57 16.53
CA ASN A 320 9.96 -19.17 16.25
C ASN A 320 8.72 -19.27 15.33
N VAL A 321 7.55 -18.78 15.81
CA VAL A 321 6.27 -18.82 15.07
C VAL A 321 6.22 -18.07 13.70
N SER A 322 7.12 -17.10 13.44
CA SER A 322 7.16 -16.43 12.13
C SER A 322 7.67 -17.42 11.07
N TYR A 323 8.67 -18.24 11.45
CA TYR A 323 9.32 -19.27 10.65
C TYR A 323 8.35 -20.39 10.29
N VAL A 324 7.53 -20.85 11.26
CA VAL A 324 6.52 -21.89 11.05
C VAL A 324 5.42 -21.39 10.10
N LEU A 325 4.89 -20.18 10.36
CA LEU A 325 3.84 -19.57 9.53
C LEU A 325 4.27 -19.29 8.11
N ASP A 326 5.56 -18.86 7.91
CA ASP A 326 6.10 -18.57 6.59
C ASP A 326 6.14 -19.83 5.73
N VAL A 327 6.53 -20.96 6.35
CA VAL A 327 6.53 -22.28 5.74
C VAL A 327 5.10 -22.68 5.36
N LEU A 328 4.12 -22.45 6.25
CA LEU A 328 2.72 -22.81 6.00
C LEU A 328 2.01 -21.90 4.99
N ASN A 329 2.36 -20.59 4.92
CA ASN A 329 1.81 -19.67 3.91
C ASN A 329 2.37 -20.06 2.55
N ALA A 330 3.61 -20.59 2.52
CA ALA A 330 4.25 -21.05 1.28
C ALA A 330 3.69 -22.37 0.74
N LEU A 331 2.91 -23.11 1.53
CA LEU A 331 2.34 -24.39 1.09
C LEU A 331 0.86 -24.25 0.78
N LYS A 332 0.51 -24.32 -0.52
CA LYS A 332 -0.89 -24.19 -0.94
C LYS A 332 -1.43 -25.60 -1.12
N CYS A 333 -1.60 -26.30 0.00
CA CYS A 333 -2.05 -27.70 0.00
C CYS A 333 -2.99 -28.00 1.15
N GLU A 334 -3.59 -29.18 1.11
CA GLU A 334 -4.55 -29.68 2.09
C GLU A 334 -3.87 -30.20 3.32
N ASN A 335 -2.84 -31.09 3.18
CA ASN A 335 -2.17 -31.67 4.34
C ASN A 335 -0.67 -31.40 4.44
N VAL A 336 -0.16 -31.31 5.67
CA VAL A 336 1.26 -31.06 5.95
C VAL A 336 1.89 -32.13 6.81
N ARG A 337 3.11 -32.52 6.46
CA ARG A 337 3.87 -33.49 7.22
C ARG A 337 5.01 -32.79 7.91
N MET A 338 5.16 -33.06 9.20
CA MET A 338 6.23 -32.52 10.01
C MET A 338 7.07 -33.70 10.42
N MET A 339 8.38 -33.58 10.20
CA MET A 339 9.32 -34.65 10.50
C MET A 339 10.29 -34.23 11.59
N LEU A 340 10.11 -34.80 12.79
CA LEU A 340 10.92 -34.53 13.98
C LEU A 340 11.78 -35.72 14.38
N THR A 341 12.75 -35.45 15.26
CA THR A 341 13.67 -36.41 15.86
C THR A 341 13.70 -36.06 17.37
N ASP A 342 14.26 -34.91 17.72
CA ASP A 342 14.30 -34.49 19.10
C ASP A 342 14.02 -33.01 19.25
N SER A 343 14.12 -32.50 20.48
CA SER A 343 13.86 -31.13 20.88
C SER A 343 14.97 -30.12 20.54
N VAL A 344 16.20 -30.59 20.27
CA VAL A 344 17.34 -29.73 19.91
C VAL A 344 17.75 -29.82 18.41
N SER A 345 17.01 -30.63 17.63
CA SER A 345 17.24 -30.87 16.21
C SER A 345 16.13 -30.25 15.36
N SER A 346 16.43 -30.03 14.06
CA SER A 346 15.54 -29.42 13.09
C SER A 346 14.27 -30.23 12.76
N VAL A 347 13.20 -29.52 12.32
CA VAL A 347 11.97 -30.12 11.86
C VAL A 347 11.97 -29.93 10.39
N GLN A 348 11.47 -30.93 9.67
CA GLN A 348 11.31 -30.84 8.23
C GLN A 348 9.81 -30.79 7.97
N ILE A 349 9.38 -29.72 7.31
CA ILE A 349 7.98 -29.50 6.98
C ILE A 349 7.83 -29.67 5.49
N GLU A 350 6.76 -30.36 5.09
CA GLU A 350 6.50 -30.68 3.69
C GLU A 350 5.01 -30.84 3.44
N ASP A 351 4.63 -30.69 2.19
CA ASP A 351 3.29 -31.00 1.74
C ASP A 351 3.27 -32.54 1.84
N ALA A 352 2.21 -33.09 2.41
CA ALA A 352 2.09 -34.54 2.59
C ALA A 352 1.93 -35.31 1.25
N ALA A 353 1.69 -34.60 0.13
CA ALA A 353 1.46 -35.21 -1.19
C ALA A 353 2.48 -34.80 -2.30
N SER A 354 3.58 -34.13 -1.90
CA SER A 354 4.62 -33.65 -2.81
C SER A 354 5.95 -33.53 -2.08
N GLN A 355 7.03 -34.05 -2.71
CA GLN A 355 8.39 -33.97 -2.17
C GLN A 355 9.28 -32.99 -2.97
N SER A 356 8.64 -32.16 -3.83
CA SER A 356 9.34 -31.18 -4.68
C SER A 356 9.95 -30.03 -3.86
N ALA A 357 9.28 -29.66 -2.76
CA ALA A 357 9.72 -28.61 -1.83
C ALA A 357 9.80 -29.12 -0.38
N ALA A 358 10.94 -28.85 0.28
CA ALA A 358 11.19 -29.21 1.67
C ALA A 358 11.62 -27.94 2.43
N TYR A 359 11.16 -27.82 3.69
CA TYR A 359 11.43 -26.70 4.59
C TYR A 359 12.00 -27.22 5.87
N VAL A 360 13.15 -26.67 6.26
CA VAL A 360 13.87 -27.09 7.43
C VAL A 360 14.03 -25.90 8.39
N VAL A 361 13.43 -26.04 9.58
CA VAL A 361 13.46 -25.01 10.60
C VAL A 361 14.16 -25.53 11.84
N MET A 362 15.19 -24.81 12.25
CA MET A 362 15.93 -25.12 13.46
C MET A 362 15.13 -24.61 14.70
N PRO A 363 15.01 -25.41 15.78
CA PRO A 363 14.26 -24.95 16.95
C PRO A 363 14.98 -23.94 17.86
N MET A 364 14.27 -23.46 18.87
CA MET A 364 14.81 -22.58 19.92
C MET A 364 14.64 -23.24 21.29
N ARG A 365 15.57 -22.99 22.23
CA ARG A 365 15.57 -23.55 23.60
C ARG A 365 14.40 -23.06 24.46
N MET B 1 -17.73 -9.71 36.06
CA MET B 1 -17.85 -9.48 34.62
C MET B 1 -17.63 -10.79 33.84
N LYS B 2 -18.68 -11.22 33.17
CA LYS B 2 -18.74 -12.46 32.41
C LYS B 2 -19.74 -12.30 31.28
N PHE B 3 -19.40 -12.82 30.07
CA PHE B 3 -20.25 -12.80 28.88
C PHE B 3 -19.79 -13.82 27.84
N THR B 4 -20.74 -14.35 27.05
CA THR B 4 -20.57 -15.26 25.91
C THR B 4 -21.32 -14.64 24.73
N VAL B 5 -20.60 -14.38 23.63
CA VAL B 5 -21.15 -13.73 22.42
C VAL B 5 -20.65 -14.48 21.16
N GLU B 6 -21.47 -14.45 20.08
CA GLU B 6 -21.09 -15.00 18.79
C GLU B 6 -20.03 -14.03 18.21
N ARG B 7 -18.88 -14.55 17.76
CA ARG B 7 -17.76 -13.79 17.17
C ARG B 7 -18.24 -12.70 16.18
N GLU B 8 -19.21 -13.05 15.32
CA GLU B 8 -19.73 -12.17 14.31
C GLU B 8 -20.38 -10.89 14.86
N HIS B 9 -20.87 -10.93 16.13
CA HIS B 9 -21.48 -9.77 16.79
C HIS B 9 -20.42 -8.84 17.40
N LEU B 10 -19.20 -9.35 17.60
CA LEU B 10 -18.07 -8.63 18.17
C LEU B 10 -17.21 -7.94 17.12
N LEU B 11 -17.09 -8.56 15.93
CA LEU B 11 -16.27 -8.15 14.80
C LEU B 11 -16.33 -6.68 14.43
N LYS B 12 -17.47 -6.20 13.89
CA LYS B 12 -17.65 -4.81 13.47
C LYS B 12 -17.39 -3.87 14.68
N PRO B 13 -18.00 -4.06 15.90
CA PRO B 13 -17.66 -3.18 17.04
C PRO B 13 -16.17 -3.06 17.36
N LEU B 14 -15.46 -4.20 17.48
CA LEU B 14 -14.03 -4.21 17.76
C LEU B 14 -13.24 -3.45 16.70
N GLN B 15 -13.62 -3.63 15.42
CA GLN B 15 -13.02 -3.01 14.23
C GLN B 15 -13.23 -1.51 14.21
N GLN B 16 -14.30 -1.00 14.87
CA GLN B 16 -14.64 0.41 14.91
C GLN B 16 -14.05 1.16 16.10
N VAL B 17 -13.89 0.47 17.24
CA VAL B 17 -13.34 1.09 18.43
C VAL B 17 -11.79 1.13 18.45
N SER B 18 -11.14 0.32 17.59
CA SER B 18 -9.68 0.22 17.47
C SER B 18 -9.22 0.84 16.15
N PRO B 25 0.66 3.82 22.02
CA PRO B 25 0.01 4.94 22.73
C PRO B 25 0.98 5.78 23.55
N THR B 26 0.57 7.02 23.89
CA THR B 26 1.35 7.95 24.71
C THR B 26 1.50 7.42 26.16
N LEU B 27 0.42 6.84 26.68
CA LEU B 27 0.34 6.25 28.00
C LEU B 27 -0.21 4.82 27.89
N PRO B 28 0.18 3.87 28.80
CA PRO B 28 -0.24 2.47 28.62
C PRO B 28 -1.72 2.13 28.49
N ILE B 29 -2.59 2.71 29.35
CA ILE B 29 -4.04 2.44 29.32
C ILE B 29 -4.76 2.85 28.02
N LEU B 30 -4.21 3.82 27.27
CA LEU B 30 -4.76 4.29 25.99
C LEU B 30 -4.71 3.21 24.89
N GLY B 31 -3.91 2.17 25.09
CA GLY B 31 -3.76 1.03 24.20
C GLY B 31 -4.73 -0.08 24.53
N ASN B 32 -5.58 0.15 25.57
CA ASN B 32 -6.58 -0.79 26.05
C ASN B 32 -8.00 -0.35 25.73
N LEU B 33 -8.91 -1.33 25.67
CA LEU B 33 -10.35 -1.13 25.47
C LEU B 33 -11.01 -1.23 26.82
N LEU B 34 -11.97 -0.35 27.12
CA LEU B 34 -12.76 -0.45 28.34
C LEU B 34 -13.97 -1.33 28.01
N LEU B 35 -14.05 -2.48 28.67
CA LEU B 35 -15.16 -3.43 28.51
C LEU B 35 -16.07 -3.31 29.73
N GLN B 36 -17.38 -3.07 29.53
CA GLN B 36 -18.35 -2.93 30.63
C GLN B 36 -19.61 -3.72 30.35
N VAL B 37 -19.96 -4.69 31.24
CA VAL B 37 -21.21 -5.44 31.15
C VAL B 37 -22.21 -4.81 32.13
N ALA B 38 -23.35 -4.32 31.60
CA ALA B 38 -24.42 -3.68 32.36
C ALA B 38 -25.71 -3.72 31.57
N ASP B 39 -26.86 -3.83 32.27
CA ASP B 39 -28.22 -3.82 31.69
C ASP B 39 -28.42 -4.71 30.44
N GLY B 40 -27.84 -5.91 30.46
CA GLY B 40 -27.90 -6.87 29.35
C GLY B 40 -27.29 -6.37 28.04
N THR B 41 -26.22 -5.53 28.16
CA THR B 41 -25.50 -4.91 27.06
C THR B 41 -24.01 -4.84 27.39
N LEU B 42 -23.15 -5.14 26.39
CA LEU B 42 -21.70 -5.02 26.55
C LEU B 42 -21.23 -3.77 25.79
N SER B 43 -20.64 -2.80 26.53
CA SER B 43 -20.11 -1.57 25.95
C SER B 43 -18.61 -1.68 25.72
N LEU B 44 -18.17 -1.27 24.54
CA LEU B 44 -16.77 -1.31 24.14
C LEU B 44 -16.30 0.10 23.89
N THR B 45 -15.23 0.56 24.61
CA THR B 45 -14.75 1.96 24.53
C THR B 45 -13.26 2.10 24.27
N GLY B 46 -12.95 2.94 23.27
CA GLY B 46 -11.59 3.30 22.89
C GLY B 46 -11.41 4.81 23.00
N THR B 47 -10.17 5.28 23.28
CA THR B 47 -9.84 6.71 23.42
C THR B 47 -8.35 7.03 23.23
N ASP B 48 -8.02 8.29 22.85
CA ASP B 48 -6.65 8.78 22.70
C ASP B 48 -6.52 10.16 23.44
N LEU B 49 -7.43 10.42 24.42
CA LEU B 49 -7.59 11.65 25.21
C LEU B 49 -8.37 12.74 24.44
N GLU B 50 -8.06 12.96 23.15
CA GLU B 50 -8.69 13.96 22.30
C GLU B 50 -10.03 13.48 21.73
N MET B 51 -10.16 12.17 21.48
CA MET B 51 -11.39 11.57 20.93
C MET B 51 -11.76 10.20 21.53
N GLU B 52 -13.04 9.82 21.45
CA GLU B 52 -13.58 8.60 22.01
C GLU B 52 -14.60 7.93 21.09
N MET B 53 -14.53 6.60 21.02
CA MET B 53 -15.43 5.76 20.24
C MET B 53 -16.02 4.71 21.19
N VAL B 54 -17.36 4.58 21.21
CA VAL B 54 -18.10 3.68 22.08
C VAL B 54 -19.07 2.81 21.24
N ALA B 55 -18.97 1.48 21.38
CA ALA B 55 -19.83 0.50 20.71
C ALA B 55 -20.66 -0.28 21.73
N ARG B 56 -21.93 -0.53 21.42
CA ARG B 56 -22.82 -1.30 22.30
C ARG B 56 -23.29 -2.57 21.59
N VAL B 57 -23.15 -3.72 22.27
CA VAL B 57 -23.52 -5.05 21.78
C VAL B 57 -24.60 -5.64 22.70
N ALA B 58 -25.71 -6.17 22.12
CA ALA B 58 -26.78 -6.80 22.88
C ALA B 58 -26.34 -8.16 23.44
N LEU B 59 -26.75 -8.49 24.68
CA LEU B 59 -26.38 -9.77 25.30
C LEU B 59 -27.54 -10.72 25.45
N VAL B 60 -27.69 -11.64 24.48
CA VAL B 60 -28.74 -12.64 24.48
C VAL B 60 -28.48 -13.74 25.50
N GLN B 61 -27.24 -14.29 25.53
CA GLN B 61 -26.79 -15.39 26.37
C GLN B 61 -26.56 -14.96 27.82
N PRO B 62 -26.61 -15.90 28.84
CA PRO B 62 -26.33 -15.50 30.24
C PRO B 62 -25.01 -14.74 30.43
N HIS B 63 -25.03 -13.75 31.33
CA HIS B 63 -23.92 -12.84 31.62
C HIS B 63 -23.95 -12.37 33.08
N GLU B 64 -22.83 -11.82 33.55
CA GLU B 64 -22.66 -11.24 34.89
C GLU B 64 -22.12 -9.81 34.74
N PRO B 65 -22.67 -8.82 35.50
CA PRO B 65 -22.20 -7.43 35.35
C PRO B 65 -20.82 -7.18 35.92
N GLY B 66 -20.17 -6.14 35.41
CA GLY B 66 -18.85 -5.71 35.84
C GLY B 66 -18.10 -5.00 34.73
N ALA B 67 -16.79 -4.72 34.96
CA ALA B 67 -15.96 -4.03 33.98
C ALA B 67 -14.45 -4.28 34.16
N THR B 68 -13.69 -4.14 33.05
CA THR B 68 -12.22 -4.23 32.98
C THR B 68 -11.71 -3.52 31.72
N THR B 69 -10.38 -3.41 31.59
CA THR B 69 -9.69 -2.91 30.39
C THR B 69 -8.74 -4.04 29.91
N VAL B 70 -8.60 -4.25 28.58
CA VAL B 70 -7.70 -5.25 27.96
C VAL B 70 -6.95 -4.69 26.76
N PRO B 71 -5.74 -5.22 26.40
CA PRO B 71 -5.04 -4.71 25.19
C PRO B 71 -5.92 -4.79 23.96
N ALA B 72 -6.15 -3.62 23.30
CA ALA B 72 -7.05 -3.47 22.16
C ALA B 72 -6.76 -4.35 20.93
N ARG B 73 -5.53 -4.26 20.38
CA ARG B 73 -5.12 -5.01 19.20
C ARG B 73 -5.02 -6.51 19.48
N LYS B 74 -4.52 -6.91 20.67
CA LYS B 74 -4.43 -8.32 21.07
C LYS B 74 -5.82 -8.97 21.17
N PHE B 75 -6.78 -8.27 21.80
CA PHE B 75 -8.13 -8.78 21.96
C PHE B 75 -8.86 -8.90 20.62
N PHE B 76 -8.76 -7.85 19.77
CA PHE B 76 -9.33 -7.82 18.42
C PHE B 76 -8.79 -8.94 17.49
N ASP B 77 -7.46 -9.11 17.46
CA ASP B 77 -6.79 -10.09 16.62
C ASP B 77 -7.12 -11.54 16.98
N ILE B 78 -7.35 -11.82 18.27
CA ILE B 78 -7.79 -13.11 18.79
C ILE B 78 -9.20 -13.44 18.23
N CYS B 79 -10.15 -12.49 18.38
CA CYS B 79 -11.54 -12.64 17.93
C CYS B 79 -11.64 -12.82 16.42
N ARG B 80 -10.92 -11.98 15.66
CA ARG B 80 -10.86 -12.01 14.20
C ARG B 80 -10.20 -13.32 13.72
N GLY B 81 -9.18 -13.78 14.46
CA GLY B 81 -8.42 -15.00 14.19
C GLY B 81 -9.20 -16.29 14.46
N LEU B 82 -10.30 -16.21 15.22
CA LEU B 82 -11.13 -17.36 15.54
C LEU B 82 -12.02 -17.78 14.34
N PRO B 83 -12.35 -19.09 14.20
CA PRO B 83 -13.16 -19.52 13.04
C PRO B 83 -14.53 -18.87 12.94
N GLU B 84 -15.08 -18.85 11.72
CA GLU B 84 -16.39 -18.29 11.41
C GLU B 84 -17.45 -19.08 12.21
N GLY B 85 -18.24 -18.36 13.00
CA GLY B 85 -19.29 -18.95 13.82
C GLY B 85 -18.88 -19.37 15.22
N ALA B 86 -17.72 -18.90 15.71
CA ALA B 86 -17.22 -19.23 17.05
C ALA B 86 -17.97 -18.47 18.15
N GLU B 87 -18.12 -19.09 19.32
CA GLU B 87 -18.75 -18.51 20.52
C GLU B 87 -17.61 -18.14 21.45
N ILE B 88 -17.49 -16.85 21.81
CA ILE B 88 -16.40 -16.35 22.67
C ILE B 88 -16.87 -16.15 24.11
N ALA B 89 -16.32 -16.96 25.04
CA ALA B 89 -16.59 -16.90 26.48
C ALA B 89 -15.51 -16.07 27.17
N VAL B 90 -15.92 -14.99 27.85
CA VAL B 90 -15.02 -14.07 28.53
C VAL B 90 -15.33 -14.07 30.03
N GLN B 91 -14.27 -14.16 30.86
CA GLN B 91 -14.33 -14.25 32.33
C GLN B 91 -13.11 -13.55 32.95
N LEU B 92 -13.22 -13.17 34.22
CA LEU B 92 -12.14 -12.53 34.97
C LEU B 92 -11.64 -13.47 36.04
N GLU B 93 -10.30 -13.61 36.16
CA GLU B 93 -9.66 -14.48 37.13
C GLU B 93 -8.42 -13.78 37.68
N GLY B 94 -8.65 -12.96 38.70
CA GLY B 94 -7.60 -12.16 39.32
C GLY B 94 -7.33 -10.91 38.52
N GLU B 95 -6.05 -10.68 38.19
CA GLU B 95 -5.56 -9.52 37.43
C GLU B 95 -5.49 -9.84 35.92
N ARG B 96 -6.18 -10.92 35.48
CA ARG B 96 -6.15 -11.36 34.10
C ARG B 96 -7.53 -11.65 33.52
N MET B 97 -7.69 -11.48 32.18
CA MET B 97 -8.95 -11.78 31.48
C MET B 97 -8.84 -13.09 30.71
N LEU B 98 -9.81 -13.99 30.91
CA LEU B 98 -9.81 -15.28 30.23
C LEU B 98 -10.74 -15.33 29.03
N VAL B 99 -10.19 -15.63 27.84
CA VAL B 99 -10.97 -15.76 26.59
C VAL B 99 -10.97 -17.25 26.17
N ARG B 100 -12.17 -17.81 25.97
CA ARG B 100 -12.33 -19.22 25.63
C ARG B 100 -13.28 -19.47 24.47
N SER B 101 -12.81 -20.19 23.45
CA SER B 101 -13.59 -20.59 22.29
C SER B 101 -13.04 -21.90 21.75
N GLY B 102 -13.92 -22.86 21.45
CA GLY B 102 -13.53 -24.19 20.97
C GLY B 102 -12.52 -24.83 21.90
N ARG B 103 -11.30 -25.10 21.39
CA ARG B 103 -10.19 -25.65 22.21
C ARG B 103 -9.09 -24.59 22.42
N SER B 104 -9.37 -23.33 22.02
CA SER B 104 -8.47 -22.18 22.19
C SER B 104 -8.75 -21.48 23.52
N ARG B 105 -7.69 -21.10 24.23
CA ARG B 105 -7.72 -20.41 25.52
C ARG B 105 -6.71 -19.28 25.51
N PHE B 106 -7.09 -18.13 26.04
CA PHE B 106 -6.22 -16.95 26.07
C PHE B 106 -6.40 -16.27 27.39
N SER B 107 -5.29 -15.87 27.99
CA SER B 107 -5.26 -15.15 29.26
C SER B 107 -4.49 -13.86 29.03
N LEU B 108 -5.21 -12.73 29.06
CA LEU B 108 -4.70 -11.39 28.80
C LEU B 108 -4.51 -10.61 30.10
N SER B 109 -3.54 -9.69 30.11
CA SER B 109 -3.26 -8.85 31.26
C SER B 109 -4.21 -7.66 31.24
N THR B 110 -4.81 -7.33 32.39
CA THR B 110 -5.74 -6.20 32.51
C THR B 110 -5.11 -5.01 33.22
N LEU B 111 -5.82 -3.88 33.16
CA LEU B 111 -5.58 -2.62 33.86
C LEU B 111 -6.96 -2.23 34.45
N PRO B 112 -7.04 -1.62 35.65
CA PRO B 112 -8.37 -1.39 36.23
C PRO B 112 -9.27 -0.40 35.46
N ALA B 113 -10.57 -0.74 35.37
CA ALA B 113 -11.63 0.03 34.69
C ALA B 113 -11.77 1.44 35.26
N ALA B 114 -11.42 1.60 36.54
CA ALA B 114 -11.45 2.86 37.28
C ALA B 114 -10.37 3.84 36.80
N ASP B 115 -9.24 3.31 36.30
CA ASP B 115 -8.11 4.10 35.81
C ASP B 115 -8.28 4.59 34.38
N PHE B 116 -9.27 4.04 33.66
CA PHE B 116 -9.58 4.40 32.28
C PHE B 116 -10.02 5.88 32.15
N PRO B 117 -9.44 6.66 31.23
CA PRO B 117 -9.82 8.07 31.11
C PRO B 117 -11.29 8.26 30.70
N ASN B 118 -11.99 9.12 31.45
CA ASN B 118 -13.39 9.47 31.19
C ASN B 118 -13.46 10.95 30.82
N LEU B 119 -13.70 11.22 29.50
CA LEU B 119 -13.86 12.56 28.93
C LEU B 119 -15.05 13.27 29.58
N ASP B 120 -14.84 14.52 30.03
CA ASP B 120 -15.85 15.32 30.74
C ASP B 120 -17.16 15.52 29.97
N ASP B 121 -18.29 15.55 30.74
CA ASP B 121 -19.65 15.74 30.23
C ASP B 121 -19.80 17.16 29.66
N TRP B 122 -20.47 17.25 28.51
CA TRP B 122 -20.69 18.49 27.75
C TRP B 122 -22.14 18.62 27.21
N GLN B 123 -22.56 19.87 26.93
CA GLN B 123 -23.89 20.22 26.45
C GLN B 123 -23.90 20.53 24.94
N SER B 124 -24.81 19.88 24.23
CA SER B 124 -25.00 20.12 22.80
C SER B 124 -25.78 21.42 22.58
N GLU B 125 -25.33 22.22 21.61
CA GLU B 125 -25.98 23.46 21.22
C GLU B 125 -26.75 23.28 19.89
N VAL B 126 -26.26 22.40 19.01
CA VAL B 126 -26.88 22.09 17.72
C VAL B 126 -26.96 20.58 17.51
N GLU B 127 -28.06 20.13 16.90
CA GLU B 127 -28.36 18.75 16.61
C GLU B 127 -29.10 18.66 15.26
N PHE B 128 -28.79 17.64 14.45
CA PHE B 128 -29.41 17.39 13.15
C PHE B 128 -29.14 15.96 12.71
N THR B 129 -29.98 15.42 11.85
CA THR B 129 -29.76 14.07 11.32
C THR B 129 -29.47 14.25 9.85
N LEU B 130 -28.67 13.34 9.27
CA LEU B 130 -28.33 13.37 7.84
C LEU B 130 -27.91 12.01 7.33
N PRO B 131 -28.15 11.68 6.03
CA PRO B 131 -27.71 10.37 5.53
C PRO B 131 -26.19 10.30 5.56
N GLN B 132 -25.65 9.08 5.63
CA GLN B 132 -24.20 8.81 5.66
C GLN B 132 -23.51 9.31 4.40
N ALA B 133 -24.22 9.17 3.25
CA ALA B 133 -23.78 9.59 1.92
C ALA B 133 -23.57 11.12 1.84
N THR B 134 -24.38 11.90 2.58
CA THR B 134 -24.29 13.35 2.61
C THR B 134 -23.02 13.78 3.37
N MET B 135 -22.66 13.03 4.43
CA MET B 135 -21.47 13.28 5.24
C MET B 135 -20.19 12.88 4.45
N LYS B 136 -20.24 11.74 3.72
CA LYS B 136 -19.14 11.23 2.88
C LYS B 136 -18.80 12.25 1.76
N ARG B 137 -19.82 12.82 1.09
CA ARG B 137 -19.63 13.80 0.04
C ARG B 137 -18.92 15.08 0.57
N LEU B 138 -19.40 15.61 1.71
CA LEU B 138 -18.91 16.84 2.32
C LEU B 138 -17.43 16.78 2.70
N ILE B 139 -17.01 15.66 3.30
CA ILE B 139 -15.63 15.42 3.71
C ILE B 139 -14.74 15.22 2.49
N GLU B 140 -15.10 14.27 1.59
CA GLU B 140 -14.38 13.96 0.34
C GLU B 140 -14.18 15.16 -0.61
N ALA B 141 -15.16 16.10 -0.67
CA ALA B 141 -15.08 17.26 -1.55
C ALA B 141 -14.10 18.31 -1.03
N THR B 142 -13.83 18.34 0.30
CA THR B 142 -12.95 19.37 0.89
C THR B 142 -11.64 18.93 1.57
N GLN B 143 -11.59 17.71 2.14
CA GLN B 143 -10.46 17.13 2.88
C GLN B 143 -9.05 17.40 2.35
N PHE B 144 -8.79 17.17 1.06
CA PHE B 144 -7.47 17.38 0.44
C PHE B 144 -6.91 18.83 0.60
N SER B 145 -7.78 19.81 0.89
CA SER B 145 -7.41 21.23 0.99
C SER B 145 -6.95 21.67 2.35
N MET B 146 -7.06 20.79 3.36
CA MET B 146 -6.62 21.06 4.74
C MET B 146 -5.13 21.22 4.71
N ALA B 147 -4.58 22.19 5.48
CA ALA B 147 -3.11 22.40 5.60
C ALA B 147 -2.43 21.19 6.23
N HIS B 148 -1.14 20.98 5.91
CA HIS B 148 -0.33 19.89 6.48
C HIS B 148 0.69 20.42 7.48
N GLN B 149 0.39 20.24 8.78
CA GLN B 149 1.25 20.61 9.92
C GLN B 149 1.69 22.10 9.93
N ASP B 150 0.78 22.99 9.52
CA ASP B 150 1.02 24.42 9.51
C ASP B 150 1.04 24.92 10.96
N VAL B 151 1.92 25.93 11.23
CA VAL B 151 2.08 26.61 12.53
C VAL B 151 0.71 27.17 12.99
N ARG B 152 -0.12 27.67 12.03
CA ARG B 152 -1.50 28.10 12.24
C ARG B 152 -2.30 26.81 12.27
N TYR B 153 -2.33 26.23 13.45
CA TYR B 153 -3.02 25.01 13.88
C TYR B 153 -4.47 24.91 13.40
N TYR B 154 -5.18 26.04 13.33
CA TYR B 154 -6.60 26.04 12.92
C TYR B 154 -6.83 25.58 11.48
N LEU B 155 -5.87 25.84 10.56
CA LEU B 155 -5.98 25.45 9.16
C LEU B 155 -5.75 23.95 8.95
N ASN B 156 -5.32 23.23 10.01
CA ASN B 156 -5.03 21.79 9.96
C ASN B 156 -6.26 20.92 10.13
N GLY B 157 -7.42 21.53 10.39
CA GLY B 157 -8.69 20.84 10.50
C GLY B 157 -9.67 21.24 9.41
N MET B 158 -10.97 20.93 9.60
CA MET B 158 -12.04 21.20 8.65
C MET B 158 -13.14 21.96 9.37
N LEU B 159 -13.63 23.03 8.74
CA LEU B 159 -14.71 23.86 9.26
C LEU B 159 -16.06 23.20 8.93
N PHE B 160 -16.92 23.04 9.98
CA PHE B 160 -18.28 22.54 9.85
C PHE B 160 -19.16 23.71 10.24
N GLU B 161 -19.94 24.20 9.27
CA GLU B 161 -20.80 25.37 9.44
C GLU B 161 -22.24 25.01 9.11
N THR B 162 -23.17 25.43 9.96
CA THR B 162 -24.61 25.24 9.76
C THR B 162 -25.22 26.64 9.45
N GLU B 163 -25.96 26.78 8.35
CA GLU B 163 -26.64 28.02 7.93
C GLU B 163 -27.96 27.62 7.23
N GLY B 164 -29.06 28.24 7.68
CA GLY B 164 -30.40 27.98 7.14
C GLY B 164 -30.78 26.53 7.31
N GLU B 165 -30.85 25.80 6.20
CA GLU B 165 -31.18 24.37 6.16
C GLU B 165 -30.04 23.56 5.54
N GLU B 166 -28.84 24.16 5.45
CA GLU B 166 -27.64 23.57 4.87
C GLU B 166 -26.49 23.33 5.86
N LEU B 167 -25.67 22.31 5.56
CA LEU B 167 -24.46 21.98 6.30
C LEU B 167 -23.29 22.15 5.31
N ARG B 168 -22.26 22.86 5.76
CA ARG B 168 -21.10 23.17 4.93
C ARG B 168 -19.82 22.65 5.51
N THR B 169 -18.87 22.31 4.62
CA THR B 169 -17.49 22.03 4.96
C THR B 169 -16.58 22.98 4.17
N VAL B 170 -15.56 23.53 4.87
CA VAL B 170 -14.55 24.43 4.32
C VAL B 170 -13.16 23.92 4.76
N ALA B 171 -12.17 23.96 3.84
CA ALA B 171 -10.77 23.60 4.09
C ALA B 171 -9.87 24.49 3.21
N THR B 172 -8.81 25.03 3.82
CA THR B 172 -7.81 25.89 3.18
C THR B 172 -6.42 25.74 3.85
N ASP B 173 -5.36 26.01 3.07
CA ASP B 173 -3.96 26.03 3.52
C ASP B 173 -3.35 27.48 3.39
N GLY B 174 -4.17 28.45 3.03
CA GLY B 174 -3.75 29.82 2.79
C GLY B 174 -3.57 30.14 1.30
N HIS B 175 -3.29 29.08 0.49
CA HIS B 175 -3.05 29.20 -0.97
C HIS B 175 -4.22 28.74 -1.82
N ARG B 176 -4.88 27.63 -1.44
CA ARG B 176 -5.99 27.03 -2.17
C ARG B 176 -7.15 26.68 -1.24
N LEU B 177 -8.40 26.71 -1.74
CA LEU B 177 -9.59 26.50 -0.88
C LEU B 177 -10.64 25.57 -1.46
N ALA B 178 -11.34 24.84 -0.58
CA ALA B 178 -12.40 23.94 -0.96
C ALA B 178 -13.66 24.19 -0.10
N VAL B 179 -14.80 24.54 -0.73
CA VAL B 179 -16.10 24.72 -0.02
C VAL B 179 -17.19 23.81 -0.62
N CYS B 180 -17.90 23.04 0.23
CA CYS B 180 -19.00 22.13 -0.16
C CYS B 180 -20.19 22.33 0.79
N SER B 181 -21.37 22.60 0.24
CA SER B 181 -22.62 22.82 1.00
C SER B 181 -23.67 21.80 0.56
N MET B 182 -24.42 21.26 1.53
CA MET B 182 -25.46 20.27 1.26
C MET B 182 -26.75 20.56 2.01
N PRO B 183 -27.93 20.48 1.34
CA PRO B 183 -29.21 20.72 2.05
C PRO B 183 -29.54 19.56 2.99
N ILE B 184 -30.10 19.90 4.18
CA ILE B 184 -30.39 19.01 5.32
C ILE B 184 -31.90 18.92 5.74
N GLY B 185 -32.75 19.77 5.16
CA GLY B 185 -34.19 19.80 5.40
C GLY B 185 -34.59 20.04 6.85
N GLN B 186 -33.79 20.83 7.57
CA GLN B 186 -34.07 21.18 8.96
C GLN B 186 -33.56 22.60 9.17
N SER B 187 -34.40 23.45 9.80
CA SER B 187 -34.02 24.81 10.16
C SER B 187 -32.96 24.71 11.27
N LEU B 188 -31.72 25.18 10.96
CA LEU B 188 -30.56 25.14 11.83
C LEU B 188 -30.06 26.53 12.21
N PRO B 189 -29.49 26.71 13.43
CA PRO B 189 -28.91 28.02 13.80
C PRO B 189 -27.55 28.20 13.14
N SER B 190 -27.08 29.46 13.03
CA SER B 190 -25.77 29.75 12.47
C SER B 190 -24.71 29.39 13.51
N HIS B 191 -23.90 28.37 13.20
CA HIS B 191 -22.85 27.83 14.06
C HIS B 191 -21.65 27.36 13.23
N SER B 192 -20.42 27.65 13.69
CA SER B 192 -19.19 27.26 12.99
C SER B 192 -18.26 26.58 13.94
N VAL B 193 -17.73 25.40 13.56
CA VAL B 193 -16.76 24.67 14.37
C VAL B 193 -15.61 24.10 13.54
N ILE B 194 -14.44 23.91 14.16
CA ILE B 194 -13.28 23.35 13.50
C ILE B 194 -13.07 21.95 14.06
N VAL B 195 -13.23 20.93 13.21
CA VAL B 195 -13.01 19.53 13.54
C VAL B 195 -11.54 19.21 13.16
N PRO B 196 -10.74 18.67 14.09
CA PRO B 196 -9.33 18.36 13.74
C PRO B 196 -9.18 17.27 12.68
N ARG B 197 -8.00 17.17 12.03
CA ARG B 197 -7.69 16.18 11.00
C ARG B 197 -8.09 14.76 11.44
N LYS B 198 -7.64 14.33 12.67
CA LYS B 198 -7.92 13.03 13.28
C LYS B 198 -9.40 12.73 13.42
N GLY B 199 -10.18 13.74 13.81
CA GLY B 199 -11.63 13.61 13.94
C GLY B 199 -12.28 13.40 12.59
N VAL B 200 -11.80 14.13 11.54
CA VAL B 200 -12.29 14.03 10.16
C VAL B 200 -12.00 12.60 9.63
N ILE B 201 -10.78 12.10 9.84
CA ILE B 201 -10.42 10.73 9.44
C ILE B 201 -11.39 9.72 10.11
N GLU B 202 -11.68 9.92 11.43
CA GLU B 202 -12.60 9.05 12.16
C GLU B 202 -14.06 9.17 11.73
N LEU B 203 -14.54 10.41 11.48
CA LEU B 203 -15.88 10.70 10.98
C LEU B 203 -16.16 9.91 9.69
N MET B 204 -15.16 9.90 8.77
CA MET B 204 -15.21 9.20 7.49
C MET B 204 -15.10 7.67 7.69
N ARG B 205 -14.19 7.24 8.60
CA ARG B 205 -13.94 5.84 8.99
C ARG B 205 -15.21 5.12 9.48
N MET B 206 -16.10 5.84 10.18
CA MET B 206 -17.32 5.30 10.78
C MET B 206 -18.52 5.04 9.84
N LEU B 207 -18.44 5.48 8.58
CA LEU B 207 -19.53 5.29 7.60
C LEU B 207 -19.38 4.01 6.79
N ASP B 208 -20.51 3.30 6.62
CA ASP B 208 -20.66 2.08 5.84
C ASP B 208 -21.67 2.32 4.71
N GLY B 209 -21.98 3.61 4.47
CA GLY B 209 -22.90 4.12 3.45
C GLY B 209 -24.29 3.49 3.36
N GLY B 210 -24.58 2.60 4.33
CA GLY B 210 -25.82 1.84 4.44
C GLY B 210 -27.05 2.66 4.76
N ASP B 211 -28.09 1.97 5.27
CA ASP B 211 -29.40 2.57 5.58
C ASP B 211 -29.44 3.55 6.75
N ASN B 212 -28.76 3.22 7.88
CA ASN B 212 -28.74 4.02 9.12
C ASN B 212 -28.36 5.50 8.97
N PRO B 213 -29.20 6.44 9.47
CA PRO B 213 -28.84 7.86 9.38
C PRO B 213 -27.78 8.23 10.41
N LEU B 214 -27.12 9.36 10.19
CA LEU B 214 -26.07 9.86 11.07
C LEU B 214 -26.69 10.91 11.96
N ARG B 215 -26.54 10.74 13.27
CA ARG B 215 -27.10 11.65 14.28
C ARG B 215 -25.95 12.52 14.79
N VAL B 216 -25.95 13.83 14.45
CA VAL B 216 -24.89 14.76 14.83
C VAL B 216 -25.30 15.71 15.93
N GLN B 217 -24.40 15.92 16.92
CA GLN B 217 -24.56 16.82 18.05
C GLN B 217 -23.30 17.64 18.18
N ILE B 218 -23.43 18.98 18.17
CA ILE B 218 -22.30 19.90 18.29
C ILE B 218 -22.44 20.77 19.53
N GLY B 219 -21.41 20.75 20.35
CA GLY B 219 -21.34 21.58 21.55
C GLY B 219 -20.50 22.81 21.32
N SER B 220 -19.87 23.31 22.37
CA SER B 220 -18.99 24.47 22.25
C SER B 220 -17.56 24.04 21.98
N ASN B 221 -17.17 22.85 22.47
CA ASN B 221 -15.82 22.34 22.30
C ASN B 221 -15.77 20.84 21.95
N ASN B 222 -16.94 20.26 21.59
CA ASN B 222 -17.08 18.85 21.21
C ASN B 222 -18.09 18.60 20.12
N ILE B 223 -17.90 17.48 19.46
CA ILE B 223 -18.75 17.00 18.39
C ILE B 223 -19.01 15.51 18.63
N ARG B 224 -20.26 15.10 18.47
CA ARG B 224 -20.71 13.73 18.64
C ARG B 224 -21.43 13.28 17.39
N ALA B 225 -21.15 12.06 16.95
CA ALA B 225 -21.77 11.43 15.80
C ALA B 225 -22.24 10.02 16.20
N HIS B 226 -23.55 9.75 16.03
CA HIS B 226 -24.19 8.48 16.32
C HIS B 226 -24.59 7.82 15.02
N VAL B 227 -24.30 6.52 14.87
CA VAL B 227 -24.71 5.70 13.72
C VAL B 227 -24.86 4.25 14.15
N GLY B 228 -26.10 3.76 14.14
CA GLY B 228 -26.45 2.41 14.60
C GLY B 228 -26.19 2.33 16.09
N ASP B 229 -25.28 1.42 16.48
CA ASP B 229 -24.87 1.23 17.87
C ASP B 229 -23.50 1.75 18.25
N PHE B 230 -22.96 2.69 17.43
CA PHE B 230 -21.66 3.35 17.65
C PHE B 230 -21.82 4.81 17.97
N ILE B 231 -20.98 5.32 18.84
CA ILE B 231 -20.94 6.73 19.14
C ILE B 231 -19.49 7.19 18.99
N PHE B 232 -19.27 8.29 18.23
CA PHE B 232 -17.98 8.92 18.06
C PHE B 232 -18.01 10.31 18.63
N THR B 233 -16.99 10.66 19.42
CA THR B 233 -16.84 11.98 20.06
C THR B 233 -15.44 12.50 19.84
N SER B 234 -15.33 13.79 19.50
CA SER B 234 -14.06 14.46 19.29
C SER B 234 -14.08 15.84 19.91
N LYS B 235 -12.93 16.30 20.40
CA LYS B 235 -12.72 17.65 20.89
C LYS B 235 -12.59 18.52 19.61
N LEU B 236 -12.97 19.79 19.69
CA LEU B 236 -12.89 20.71 18.55
C LEU B 236 -11.62 21.52 18.64
N VAL B 237 -11.16 22.09 17.51
CA VAL B 237 -9.96 22.92 17.49
C VAL B 237 -10.28 24.33 18.02
N ASP B 238 -9.54 24.72 19.05
CA ASP B 238 -9.65 26.06 19.60
C ASP B 238 -8.99 26.92 18.56
N GLY B 239 -9.70 27.90 18.05
CA GLY B 239 -9.18 28.81 17.06
C GLY B 239 -10.26 29.51 16.26
N ARG B 240 -9.87 30.47 15.41
CA ARG B 240 -10.80 31.21 14.57
C ARG B 240 -10.42 31.06 13.08
N PHE B 241 -11.22 30.26 12.35
CA PHE B 241 -11.04 29.96 10.93
C PHE B 241 -11.27 31.24 10.08
N PRO B 242 -10.55 31.43 8.94
CA PRO B 242 -10.81 32.61 8.08
C PRO B 242 -12.20 32.60 7.39
N ASP B 243 -12.62 33.76 6.85
CA ASP B 243 -13.89 33.89 6.16
C ASP B 243 -13.83 33.45 4.69
N TYR B 244 -14.55 32.34 4.35
CA TYR B 244 -14.63 31.82 2.98
C TYR B 244 -15.23 32.78 1.96
N ARG B 245 -16.30 33.51 2.35
CA ARG B 245 -17.03 34.45 1.50
C ARG B 245 -16.13 35.56 0.95
N ARG B 246 -15.19 36.03 1.78
CA ARG B 246 -14.23 37.09 1.49
C ARG B 246 -13.33 36.79 0.30
N VAL B 247 -13.16 35.50 -0.06
CA VAL B 247 -12.27 35.11 -1.16
C VAL B 247 -12.93 34.51 -2.46
N LEU B 248 -14.29 34.46 -2.56
CA LEU B 248 -14.99 33.99 -3.77
C LEU B 248 -15.02 35.13 -4.82
N PRO B 249 -14.34 34.97 -6.00
CA PRO B 249 -14.35 36.04 -7.02
C PRO B 249 -15.63 36.86 -7.16
N LYS B 250 -15.47 38.20 -7.16
CA LYS B 250 -16.58 39.16 -7.21
C LYS B 250 -17.55 39.36 -8.37
N ASN B 251 -17.10 39.91 -9.51
CA ASN B 251 -17.86 39.87 -10.77
C ASN B 251 -16.86 39.39 -11.82
N PRO B 252 -16.75 38.05 -12.01
CA PRO B 252 -15.75 37.52 -12.94
C PRO B 252 -16.07 37.91 -14.37
N ASP B 253 -15.07 38.35 -15.12
CA ASP B 253 -15.26 38.79 -16.51
C ASP B 253 -14.77 37.71 -17.49
N LYS B 254 -14.15 36.67 -16.92
CA LYS B 254 -13.56 35.57 -17.64
C LYS B 254 -14.08 34.24 -17.13
N HIS B 255 -14.66 33.47 -18.07
CA HIS B 255 -15.27 32.17 -17.81
CA HIS B 255 -15.21 32.14 -17.80
C HIS B 255 -14.85 31.13 -18.88
N LEU B 256 -14.41 29.97 -18.45
CA LEU B 256 -13.96 28.92 -19.36
C LEU B 256 -14.62 27.58 -19.06
N GLU B 257 -14.97 26.82 -20.11
CA GLU B 257 -15.55 25.47 -19.96
C GLU B 257 -14.68 24.51 -20.75
N ALA B 258 -14.47 23.35 -20.19
CA ALA B 258 -13.72 22.27 -20.82
C ALA B 258 -14.11 20.94 -20.16
N GLY B 259 -13.85 19.84 -20.88
CA GLY B 259 -14.10 18.49 -20.37
C GLY B 259 -13.14 18.19 -19.25
N CYS B 260 -13.62 17.63 -18.13
CA CYS B 260 -12.81 17.30 -16.97
C CYS B 260 -11.64 16.37 -17.23
N ASP B 261 -11.87 15.22 -17.89
CA ASP B 261 -10.77 14.30 -18.16
C ASP B 261 -9.65 14.86 -19.04
N LEU B 262 -9.97 15.47 -20.21
CA LEU B 262 -8.96 16.04 -21.11
C LEU B 262 -8.12 17.08 -20.43
N LEU B 263 -8.78 17.92 -19.60
CA LEU B 263 -8.11 18.98 -18.85
C LEU B 263 -7.16 18.40 -17.79
N LYS B 264 -7.66 17.44 -16.97
CA LYS B 264 -6.91 16.70 -15.94
C LYS B 264 -5.66 16.01 -16.55
N GLN B 265 -5.79 15.41 -17.76
CA GLN B 265 -4.69 14.70 -18.42
C GLN B 265 -3.65 15.59 -19.02
N ALA B 266 -4.03 16.79 -19.51
CA ALA B 266 -3.12 17.76 -20.09
C ALA B 266 -2.22 18.38 -18.99
N PHE B 267 -2.83 18.74 -17.84
CA PHE B 267 -2.13 19.31 -16.69
C PHE B 267 -1.18 18.29 -16.04
N ALA B 268 -1.56 16.99 -16.05
CA ALA B 268 -0.77 15.88 -15.50
C ALA B 268 0.44 15.62 -16.36
N ARG B 269 0.36 15.83 -17.69
CA ARG B 269 1.53 15.61 -18.57
C ARG B 269 2.51 16.77 -18.46
N ALA B 270 2.00 18.01 -18.45
CA ALA B 270 2.80 19.23 -18.25
C ALA B 270 3.50 19.21 -16.89
N ALA B 271 2.87 18.62 -15.85
CA ALA B 271 3.40 18.52 -14.49
C ALA B 271 4.81 17.84 -14.40
N ILE B 272 5.03 16.77 -15.23
CA ILE B 272 6.29 15.99 -15.33
C ILE B 272 7.49 16.91 -15.58
N LEU B 273 7.31 17.92 -16.48
CA LEU B 273 8.35 18.86 -16.90
C LEU B 273 8.42 20.21 -16.18
N SER B 274 7.69 20.33 -15.06
CA SER B 274 7.69 21.51 -14.18
C SER B 274 8.71 21.32 -13.03
N ASN B 275 9.08 22.43 -12.36
CA ASN B 275 10.03 22.47 -11.25
C ASN B 275 9.53 21.55 -10.12
N GLU B 276 10.36 20.59 -9.67
CA GLU B 276 9.98 19.62 -8.64
C GLU B 276 9.48 20.22 -7.34
N LYS B 277 10.04 21.36 -6.91
CA LYS B 277 9.66 22.00 -5.65
C LYS B 277 8.59 23.06 -5.82
N PHE B 278 8.64 23.84 -6.93
CA PHE B 278 7.74 24.94 -7.19
C PHE B 278 6.48 24.69 -8.03
N ARG B 279 6.52 23.66 -8.90
CA ARG B 279 5.41 23.12 -9.68
C ARG B 279 4.62 24.10 -10.56
N GLY B 280 5.26 25.21 -10.93
CA GLY B 280 4.66 26.25 -11.74
C GLY B 280 4.42 25.89 -13.20
N VAL B 281 3.14 26.02 -13.63
CA VAL B 281 2.70 25.88 -15.03
C VAL B 281 2.16 27.24 -15.49
N ARG B 282 2.28 27.53 -16.78
CA ARG B 282 1.82 28.79 -17.38
C ARG B 282 0.61 28.44 -18.27
N LEU B 283 -0.50 29.15 -18.05
CA LEU B 283 -1.76 29.00 -18.73
C LEU B 283 -1.93 30.17 -19.67
N TYR B 284 -2.19 29.88 -20.96
CA TYR B 284 -2.48 30.90 -21.96
C TYR B 284 -3.87 30.66 -22.53
N VAL B 285 -4.76 31.58 -22.19
CA VAL B 285 -6.17 31.53 -22.55
C VAL B 285 -6.45 32.52 -23.68
N SER B 286 -7.23 32.07 -24.69
CA SER B 286 -7.66 32.86 -25.85
C SER B 286 -8.89 32.19 -26.51
N GLU B 287 -9.46 32.82 -27.58
CA GLU B 287 -10.64 32.35 -28.33
C GLU B 287 -10.57 30.82 -28.43
N ASN B 288 -11.50 30.14 -27.72
CA ASN B 288 -11.73 28.68 -27.76
C ASN B 288 -10.49 27.82 -27.61
N GLN B 289 -9.45 28.37 -26.95
CA GLN B 289 -8.19 27.66 -26.78
C GLN B 289 -7.51 27.88 -25.45
N LEU B 290 -6.90 26.79 -24.94
CA LEU B 290 -6.05 26.81 -23.76
C LEU B 290 -4.71 26.20 -24.12
N LYS B 291 -3.62 26.90 -23.79
CA LYS B 291 -2.26 26.48 -23.97
C LYS B 291 -1.62 26.40 -22.58
N ILE B 292 -1.17 25.19 -22.18
CA ILE B 292 -0.51 24.94 -20.90
C ILE B 292 0.98 24.69 -21.20
N THR B 293 1.89 25.43 -20.55
CA THR B 293 3.33 25.24 -20.75
C THR B 293 4.07 25.09 -19.41
N ALA B 294 5.09 24.20 -19.36
CA ALA B 294 5.90 23.99 -18.17
C ALA B 294 7.37 23.92 -18.53
N ASN B 295 8.23 24.37 -17.63
CA ASN B 295 9.69 24.24 -17.83
C ASN B 295 10.43 24.06 -16.53
N ASN B 296 11.61 23.47 -16.55
CA ASN B 296 12.33 23.24 -15.29
C ASN B 296 13.75 23.83 -15.28
N PRO B 297 14.49 23.82 -14.15
CA PRO B 297 15.87 24.37 -14.17
C PRO B 297 16.84 23.74 -15.18
N GLU B 298 16.58 22.49 -15.63
CA GLU B 298 17.42 21.81 -16.62
C GLU B 298 16.97 22.09 -18.08
N GLN B 299 16.20 23.19 -18.25
CA GLN B 299 15.65 23.70 -19.51
C GLN B 299 14.71 22.77 -20.30
N GLU B 300 14.18 21.68 -19.67
CA GLU B 300 13.19 20.79 -20.28
C GLU B 300 11.84 21.55 -20.48
N GLU B 301 11.08 21.25 -21.54
CA GLU B 301 9.84 21.97 -21.81
C GLU B 301 8.71 21.08 -22.28
N ALA B 302 7.50 21.36 -21.80
CA ALA B 302 6.26 20.67 -22.19
C ALA B 302 5.26 21.71 -22.69
N GLU B 303 4.40 21.31 -23.62
CA GLU B 303 3.38 22.18 -24.18
C GLU B 303 2.16 21.34 -24.54
N GLU B 304 0.99 21.74 -24.03
CA GLU B 304 -0.31 21.12 -24.25
C GLU B 304 -1.27 22.19 -24.78
N ILE B 305 -2.01 21.88 -25.87
CA ILE B 305 -3.02 22.77 -26.45
C ILE B 305 -4.37 22.04 -26.48
N LEU B 306 -5.43 22.70 -25.97
CA LEU B 306 -6.77 22.14 -25.92
C LEU B 306 -7.81 23.08 -26.51
N ASP B 307 -8.91 22.49 -27.05
CA ASP B 307 -10.07 23.23 -27.53
C ASP B 307 -10.93 23.33 -26.31
N VAL B 308 -11.35 24.55 -25.97
CA VAL B 308 -12.16 24.87 -24.79
C VAL B 308 -13.22 25.87 -25.24
N THR B 309 -14.17 26.21 -24.39
CA THR B 309 -15.16 27.23 -24.72
C THR B 309 -14.75 28.43 -23.85
N TYR B 310 -14.17 29.47 -24.48
CA TYR B 310 -13.70 30.73 -23.89
C TYR B 310 -13.88 31.86 -24.91
N SER B 311 -14.43 33.01 -24.45
CA SER B 311 -14.62 34.13 -25.38
C SER B 311 -14.10 35.52 -24.95
N GLY B 312 -13.62 35.63 -23.69
CA GLY B 312 -13.06 36.86 -23.12
C GLY B 312 -11.72 37.30 -23.70
N ALA B 313 -11.03 38.22 -22.97
CA ALA B 313 -9.72 38.75 -23.36
C ALA B 313 -8.63 37.69 -23.24
N GLU B 314 -7.54 37.82 -24.03
CA GLU B 314 -6.38 36.92 -23.95
C GLU B 314 -5.65 37.15 -22.63
N MET B 315 -5.18 36.08 -21.99
CA MET B 315 -4.51 36.22 -20.70
C MET B 315 -3.46 35.13 -20.40
N GLU B 316 -2.42 35.54 -19.63
CA GLU B 316 -1.38 34.63 -19.16
C GLU B 316 -1.43 34.62 -17.62
N ILE B 317 -1.66 33.43 -17.03
CA ILE B 317 -1.74 33.24 -15.57
C ILE B 317 -0.95 31.99 -15.14
N GLY B 318 -0.17 32.14 -14.07
CA GLY B 318 0.63 31.05 -13.52
C GLY B 318 -0.06 30.34 -12.37
N PHE B 319 0.14 29.03 -12.24
CA PHE B 319 -0.47 28.24 -11.20
C PHE B 319 0.43 27.10 -10.77
N ASN B 320 0.30 26.65 -9.51
CA ASN B 320 1.01 25.49 -9.01
C ASN B 320 0.15 24.30 -9.51
N VAL B 321 0.70 23.46 -10.39
CA VAL B 321 0.02 22.30 -10.98
C VAL B 321 -0.48 21.19 -10.01
N SER B 322 0.08 21.09 -8.78
CA SER B 322 -0.43 20.11 -7.79
C SER B 322 -1.84 20.56 -7.32
N TYR B 323 -2.01 21.88 -7.13
CA TYR B 323 -3.24 22.55 -6.69
C TYR B 323 -4.34 22.40 -7.71
N VAL B 324 -4.02 22.57 -9.01
CA VAL B 324 -4.98 22.43 -10.11
C VAL B 324 -5.45 20.97 -10.24
N LEU B 325 -4.49 20.02 -10.25
CA LEU B 325 -4.78 18.58 -10.33
C LEU B 325 -5.58 18.05 -9.16
N ASP B 326 -5.30 18.55 -7.93
CA ASP B 326 -6.04 18.13 -6.73
C ASP B 326 -7.50 18.51 -6.84
N VAL B 327 -7.77 19.72 -7.35
CA VAL B 327 -9.13 20.21 -7.62
C VAL B 327 -9.81 19.30 -8.68
N LEU B 328 -9.10 18.93 -9.74
CA LEU B 328 -9.66 18.10 -10.81
C LEU B 328 -9.82 16.62 -10.44
N ASN B 329 -8.95 16.05 -9.57
CA ASN B 329 -9.11 14.67 -9.08
C ASN B 329 -10.30 14.64 -8.13
N ALA B 330 -10.51 15.76 -7.40
CA ALA B 330 -11.62 15.91 -6.45
C ALA B 330 -12.97 15.90 -7.20
N LEU B 331 -13.09 16.69 -8.28
CA LEU B 331 -14.30 16.76 -9.06
C LEU B 331 -14.46 15.45 -9.85
N LYS B 332 -15.63 14.81 -9.74
CA LYS B 332 -15.91 13.55 -10.44
C LYS B 332 -17.05 13.82 -11.42
N CYS B 333 -16.78 14.63 -12.44
CA CYS B 333 -17.77 15.09 -13.41
C CYS B 333 -17.22 15.18 -14.80
N GLU B 334 -18.12 15.44 -15.77
CA GLU B 334 -17.81 15.53 -17.19
C GLU B 334 -17.21 16.87 -17.57
N ASN B 335 -17.82 17.99 -17.17
CA ASN B 335 -17.32 19.31 -17.54
C ASN B 335 -16.94 20.23 -16.36
N VAL B 336 -15.92 21.09 -16.56
CA VAL B 336 -15.41 21.99 -15.54
C VAL B 336 -15.42 23.44 -15.98
N ARG B 337 -15.85 24.32 -15.10
CA ARG B 337 -15.87 25.75 -15.35
C ARG B 337 -14.79 26.41 -14.52
N MET B 338 -14.01 27.27 -15.15
CA MET B 338 -12.98 28.06 -14.48
C MET B 338 -13.41 29.51 -14.53
N MET B 339 -13.40 30.21 -13.39
CA MET B 339 -13.79 31.62 -13.34
C MET B 339 -12.60 32.46 -12.88
N LEU B 340 -12.13 33.32 -13.77
CA LEU B 340 -10.97 34.15 -13.54
C LEU B 340 -11.29 35.65 -13.68
N THR B 341 -10.41 36.49 -13.14
CA THR B 341 -10.53 37.93 -13.21
C THR B 341 -9.29 38.48 -13.96
N ASP B 342 -8.12 38.51 -13.30
CA ASP B 342 -6.82 38.91 -13.85
C ASP B 342 -5.75 37.94 -13.34
N SER B 343 -4.52 38.09 -13.87
CA SER B 343 -3.31 37.28 -13.63
C SER B 343 -2.79 37.27 -12.19
N VAL B 344 -3.22 38.23 -11.35
CA VAL B 344 -2.80 38.32 -9.94
C VAL B 344 -3.90 37.95 -8.93
N SER B 345 -5.09 37.59 -9.44
CA SER B 345 -6.25 37.20 -8.63
C SER B 345 -6.56 35.71 -8.78
N SER B 346 -7.32 35.18 -7.82
CA SER B 346 -7.69 33.77 -7.73
C SER B 346 -8.62 33.26 -8.85
N VAL B 347 -8.57 31.95 -9.11
CA VAL B 347 -9.42 31.27 -10.08
C VAL B 347 -10.39 30.46 -9.26
N GLN B 348 -11.67 30.44 -9.70
CA GLN B 348 -12.71 29.59 -9.12
C GLN B 348 -12.93 28.42 -10.10
N ILE B 349 -12.80 27.19 -9.59
CA ILE B 349 -13.01 25.98 -10.37
C ILE B 349 -14.23 25.26 -9.83
N GLU B 350 -15.10 24.81 -10.74
CA GLU B 350 -16.39 24.20 -10.39
C GLU B 350 -16.81 23.19 -11.42
N ASP B 351 -17.68 22.27 -11.01
CA ASP B 351 -18.34 21.36 -11.93
C ASP B 351 -19.29 22.30 -12.69
N ALA B 352 -19.30 22.21 -14.01
CA ALA B 352 -20.16 23.08 -14.85
C ALA B 352 -21.67 22.83 -14.67
N ALA B 353 -22.05 21.72 -14.00
CA ALA B 353 -23.47 21.35 -13.81
C ALA B 353 -23.94 21.25 -12.33
N SER B 354 -23.10 21.72 -11.39
CA SER B 354 -23.39 21.71 -9.96
C SER B 354 -22.64 22.84 -9.25
N GLN B 355 -23.35 23.56 -8.37
CA GLN B 355 -22.78 24.67 -7.59
C GLN B 355 -22.65 24.30 -6.11
N SER B 356 -22.79 22.98 -5.78
CA SER B 356 -22.68 22.46 -4.42
C SER B 356 -21.24 22.57 -3.86
N ALA B 357 -20.23 22.44 -4.72
CA ALA B 357 -18.83 22.54 -4.39
C ALA B 357 -18.09 23.59 -5.25
N ALA B 358 -17.28 24.45 -4.60
CA ALA B 358 -16.45 25.45 -5.27
C ALA B 358 -15.01 25.33 -4.77
N TYR B 359 -14.04 25.54 -5.68
CA TYR B 359 -12.60 25.50 -5.40
C TYR B 359 -11.95 26.81 -5.84
N VAL B 360 -11.21 27.44 -4.89
CA VAL B 360 -10.53 28.70 -5.14
C VAL B 360 -9.00 28.52 -4.99
N VAL B 361 -8.25 28.74 -6.08
CA VAL B 361 -6.77 28.63 -6.13
C VAL B 361 -6.12 29.97 -6.45
N MET B 362 -5.24 30.42 -5.56
CA MET B 362 -4.49 31.64 -5.75
C MET B 362 -3.30 31.40 -6.75
N PRO B 363 -3.06 32.30 -7.71
CA PRO B 363 -1.96 32.06 -8.68
C PRO B 363 -0.54 32.33 -8.13
N MET B 364 0.45 32.08 -8.97
CA MET B 364 1.84 32.38 -8.71
C MET B 364 2.42 33.29 -9.82
N ARG B 365 3.35 34.20 -9.48
CA ARG B 365 4.01 35.09 -10.46
C ARG B 365 5.27 34.40 -10.99
N LEU B 366 5.50 34.38 -12.31
CA LEU B 366 6.73 33.77 -12.88
C LEU B 366 7.37 34.67 -13.97
C ACE C 1 17.19 -19.60 20.86
O ACE C 1 17.49 -20.80 20.79
CH3 ACE C 1 16.99 -18.91 22.18
N GLN C 2 17.20 -18.80 19.64
CA GLN C 2 17.58 -19.44 18.27
C GLN C 2 18.86 -20.44 18.25
N ALC C 3 18.62 -21.81 17.77
CA ALC C 3 19.59 -22.51 16.95
C ALC C 3 19.38 -22.20 15.48
O ALC C 3 18.27 -21.85 15.07
CB ALC C 3 19.48 -24.06 17.15
CG ALC C 3 19.66 -24.75 18.56
CD2 ALC C 3 20.27 -23.83 19.56
CE2 ALC C 3 20.49 -24.51 20.88
CZ ALC C 3 19.32 -25.31 21.40
CE1 ALC C 3 18.42 -25.97 20.41
CD1 ALC C 3 18.38 -25.37 19.03
N ASP C 4 20.44 -21.80 14.56
CA ASP C 4 21.87 -22.42 14.44
C ASP C 4 22.00 -23.77 13.55
N LEU C 5 21.79 -23.58 12.09
CA LEU C 5 22.04 -24.61 11.06
C LEU C 5 23.50 -24.79 10.68
N 200 C 6 24.47 -23.67 10.81
CA 200 C 6 25.90 -23.80 10.32
C 200 C 6 26.91 -23.22 11.28
O 200 C 6 28.06 -23.95 11.62
OXT 200 C 6 26.66 -21.93 11.83
CB 200 C 6 26.16 -23.30 8.88
CG 200 C 6 25.03 -23.55 7.89
CD1 200 C 6 24.19 -22.49 7.50
CD2 200 C 6 24.82 -24.84 7.40
CE1 200 C 6 23.15 -22.74 6.62
CE2 200 C 6 23.78 -25.08 6.52
CZ 200 C 6 22.95 -24.03 6.14
CL 200 C 6 21.65 -24.35 5.07
C ACE D 1 4.83 33.17 -6.43
O ACE D 1 3.86 33.78 -6.83
CH3 ACE D 1 6.14 33.21 -7.20
N GLN D 2 4.64 32.16 -5.41
CA GLN D 2 3.23 31.83 -4.88
C GLN D 2 2.55 33.09 -4.15
N ALC D 3 1.22 33.53 -4.54
CA ALC D 3 0.53 34.52 -3.75
C ALC D 3 -0.30 33.95 -2.58
O ALC D 3 -0.79 32.83 -2.63
CB ALC D 3 -0.42 35.31 -4.71
CG ALC D 3 0.12 36.43 -5.70
CD2 ALC D 3 1.53 36.83 -5.41
CE2 ALC D 3 2.16 37.79 -6.42
CZ ALC D 3 1.56 37.85 -7.80
CE1 ALC D 3 0.29 37.09 -8.11
CD1 ALC D 3 -0.14 36.05 -7.13
N ASP D 4 -0.70 34.83 -1.47
CA ASP D 4 -1.78 34.31 -0.49
C ASP D 4 -3.30 34.44 -1.01
N LEU D 5 -4.29 33.42 -0.61
CA LEU D 5 -5.72 33.74 -0.64
C LEU D 5 -5.98 34.98 0.19
N 200 D 6 -5.13 35.22 1.36
CA 200 D 6 -5.37 36.37 2.28
C 200 D 6 -4.03 37.05 2.69
O 200 D 6 -3.30 37.65 1.67
OXT 200 D 6 -3.49 36.91 3.95
CB 200 D 6 -6.26 35.99 3.47
CG 200 D 6 -7.25 34.80 3.38
CD1 200 D 6 -6.80 33.48 3.33
CD2 200 D 6 -8.61 35.05 3.39
CE1 200 D 6 -7.71 32.41 3.29
CE2 200 D 6 -9.51 33.99 3.36
CZ 200 D 6 -9.08 32.68 3.32
CL 200 D 6 -10.23 31.37 3.26
#